data_1UPF
#
_entry.id   1UPF
#
_cell.length_a   60.460
_cell.length_b   141.780
_cell.length_c   71.460
_cell.angle_alpha   90.00
_cell.angle_beta   115.03
_cell.angle_gamma   90.00
#
_symmetry.space_group_name_H-M   'P 1 21 1'
#
loop_
_entity.id
_entity.type
_entity.pdbx_description
1 polymer 'URACIL PHOSPHORIBOSYLTRANSFERASE'
2 non-polymer 'SULFATE ION'
3 non-polymer 5-FLUOROURACIL
4 water water
#
_entity_poly.entity_id   1
_entity_poly.type   'polypeptide(L)'
_entity_poly.pdbx_seq_one_letter_code
;QEESILQDIITRFPNVVLMKQTAQLRAMMTIIRDKETPKEEFVFYADRLIRLLIEEALNELPFQKKEVTTPLDVSYHGVS
FYSKICGVSIVRAGESMESGLRAVCRGVRIGKILIQRDETTAEPKLIYEKLPADIRERWVMLLDPMCATAGSVCKAIEVL
LRLGVKEERIIFVNILAAPQGIERVFKEYPKVRMVTAAVDICLNSRYYIVPGIGDFGDRYFGTM
;
_entity_poly.pdbx_strand_id   D,C,B,A
#
# COMPACT_ATOMS: atom_id res chain seq x y z
N GLN A 1 -15.77 -2.41 35.23
CA GLN A 1 -14.63 -3.20 35.70
C GLN A 1 -13.45 -2.94 34.77
N GLU A 2 -13.77 -2.78 33.49
CA GLU A 2 -12.77 -2.54 32.45
C GLU A 2 -12.37 -1.13 32.81
N GLU A 3 -13.41 -0.32 32.78
CA GLU A 3 -13.39 1.09 33.09
C GLU A 3 -12.48 1.39 34.25
N SER A 4 -12.96 0.86 35.36
CA SER A 4 -12.32 0.90 36.65
C SER A 4 -10.91 0.41 36.44
N ILE A 5 -10.74 -0.58 35.56
CA ILE A 5 -9.39 -0.95 35.37
C ILE A 5 -8.59 0.00 34.46
N LEU A 6 -9.23 0.54 33.44
CA LEU A 6 -8.53 1.46 32.55
C LEU A 6 -7.95 2.64 33.34
N GLN A 7 -8.89 3.34 33.97
CA GLN A 7 -8.61 4.52 34.77
C GLN A 7 -7.55 4.33 35.87
N ASP A 8 -7.56 3.18 36.52
CA ASP A 8 -6.59 2.94 37.58
C ASP A 8 -5.17 2.85 36.99
N ILE A 9 -5.06 2.28 35.79
CA ILE A 9 -3.75 2.16 35.17
C ILE A 9 -3.32 3.60 34.93
N ILE A 10 -4.34 4.32 34.49
CA ILE A 10 -4.25 5.70 34.07
C ILE A 10 -3.97 6.66 35.18
N THR A 11 -4.74 6.56 36.26
CA THR A 11 -4.41 7.53 37.25
C THR A 11 -3.08 7.05 37.80
N ARG A 12 -2.87 5.74 37.74
CA ARG A 12 -1.63 5.18 38.26
C ARG A 12 -0.28 5.34 37.58
N PHE A 13 -0.20 5.21 36.27
CA PHE A 13 1.09 5.37 35.64
C PHE A 13 0.97 6.48 34.62
N PRO A 14 1.37 7.68 35.03
CA PRO A 14 1.26 8.85 34.16
C PRO A 14 2.02 8.57 32.87
N ASN A 15 2.85 7.56 32.88
CA ASN A 15 3.60 7.34 31.65
C ASN A 15 2.96 6.58 30.57
N VAL A 16 1.73 6.16 30.74
CA VAL A 16 1.15 5.43 29.63
C VAL A 16 0.05 6.19 28.93
N VAL A 17 0.00 6.05 27.63
CA VAL A 17 -1.11 6.69 26.95
C VAL A 17 -1.96 5.58 26.40
N LEU A 18 -3.22 5.73 26.68
CA LEU A 18 -4.16 4.76 26.26
C LEU A 18 -4.82 5.28 24.97
N MET A 19 -4.72 4.51 23.90
CA MET A 19 -5.36 4.94 22.68
C MET A 19 -6.89 4.99 22.92
N LYS A 20 -7.48 6.07 22.42
CA LYS A 20 -8.92 6.36 22.51
C LYS A 20 -9.75 5.18 22.04
N GLN A 21 -10.62 4.77 22.94
CA GLN A 21 -11.50 3.64 22.75
C GLN A 21 -12.74 4.00 21.94
N THR A 22 -12.56 4.24 20.65
CA THR A 22 -13.63 4.55 19.72
C THR A 22 -14.34 3.29 19.37
N ALA A 23 -15.49 3.42 18.78
CA ALA A 23 -16.36 2.29 18.44
C ALA A 23 -15.60 1.47 17.41
N GLN A 24 -14.91 2.20 16.52
CA GLN A 24 -14.12 1.58 15.49
C GLN A 24 -12.96 0.71 16.11
N LEU A 25 -12.17 1.26 17.04
CA LEU A 25 -11.06 0.52 17.64
C LEU A 25 -11.68 -0.73 18.24
N ARG A 26 -12.73 -0.53 18.98
CA ARG A 26 -13.40 -1.70 19.51
C ARG A 26 -13.81 -2.73 18.44
N ALA A 27 -14.41 -2.31 17.33
CA ALA A 27 -14.76 -3.29 16.28
C ALA A 27 -13.55 -4.04 15.81
N MET A 28 -12.44 -3.35 15.68
CA MET A 28 -11.25 -3.99 15.19
C MET A 28 -10.79 -5.02 16.18
N MET A 29 -10.82 -4.63 17.45
CA MET A 29 -10.38 -5.52 18.50
C MET A 29 -11.29 -6.71 18.48
N THR A 30 -12.55 -6.48 18.15
CA THR A 30 -13.40 -7.65 18.14
C THR A 30 -13.03 -8.71 17.12
N ILE A 31 -12.85 -8.26 15.89
CA ILE A 31 -12.45 -9.14 14.83
C ILE A 31 -11.12 -9.83 15.24
N ILE A 32 -10.15 -9.07 15.66
CA ILE A 32 -8.93 -9.70 16.04
C ILE A 32 -9.03 -10.71 17.18
N ARG A 33 -9.85 -10.38 18.15
CA ARG A 33 -9.94 -11.22 19.32
C ARG A 33 -10.61 -12.58 18.99
N ASP A 34 -11.61 -12.52 18.14
CA ASP A 34 -12.37 -13.68 17.74
C ASP A 34 -11.56 -14.89 17.18
N LYS A 35 -11.76 -16.07 17.75
CA LYS A 35 -11.01 -17.28 17.30
C LYS A 35 -11.39 -17.70 15.91
N GLU A 36 -12.66 -17.47 15.60
CA GLU A 36 -13.24 -17.75 14.31
C GLU A 36 -12.61 -16.93 13.18
N THR A 37 -11.79 -15.96 13.52
CA THR A 37 -11.23 -15.16 12.47
C THR A 37 -10.18 -15.69 11.57
N PRO A 38 -10.54 -15.90 10.33
CA PRO A 38 -9.60 -16.35 9.30
C PRO A 38 -8.29 -15.52 9.23
N LYS A 39 -7.19 -16.09 8.73
CA LYS A 39 -5.92 -15.36 8.64
C LYS A 39 -5.89 -14.10 7.78
N GLU A 40 -6.49 -14.20 6.59
CA GLU A 40 -6.55 -13.06 5.70
C GLU A 40 -7.17 -11.88 6.46
N GLU A 41 -8.29 -12.13 7.14
CA GLU A 41 -8.96 -11.09 7.89
C GLU A 41 -8.12 -10.54 9.03
N PHE A 42 -7.67 -11.43 9.91
CA PHE A 42 -6.82 -11.10 11.04
C PHE A 42 -5.69 -10.19 10.65
N VAL A 43 -4.99 -10.50 9.56
CA VAL A 43 -3.82 -9.66 9.15
C VAL A 43 -4.28 -8.24 8.78
N PHE A 44 -5.28 -8.20 7.94
CA PHE A 44 -5.86 -6.98 7.51
C PHE A 44 -6.22 -6.02 8.66
N TYR A 45 -7.01 -6.47 9.61
CA TYR A 45 -7.36 -5.56 10.69
C TYR A 45 -6.20 -5.32 11.63
N ALA A 46 -5.39 -6.36 11.85
CA ALA A 46 -4.25 -6.21 12.72
C ALA A 46 -3.41 -5.07 12.12
N ASP A 47 -3.29 -5.08 10.80
CA ASP A 47 -2.48 -4.05 10.16
C ASP A 47 -3.10 -2.67 10.26
N ARG A 48 -4.42 -2.68 10.18
CA ARG A 48 -5.27 -1.51 10.22
C ARG A 48 -5.06 -0.85 11.59
N LEU A 49 -5.17 -1.66 12.61
CA LEU A 49 -5.03 -1.15 13.98
C LEU A 49 -3.61 -0.64 14.22
N ILE A 50 -2.62 -1.43 13.82
CA ILE A 50 -1.22 -1.02 14.01
C ILE A 50 -0.89 0.40 13.45
N ARG A 51 -1.37 0.72 12.24
CA ARG A 51 -1.14 2.09 11.67
C ARG A 51 -1.71 3.11 12.70
N LEU A 52 -2.92 2.87 13.19
CA LEU A 52 -3.47 3.81 14.16
C LEU A 52 -2.61 3.98 15.42
N LEU A 53 -2.17 2.85 15.96
CA LEU A 53 -1.32 2.83 17.17
C LEU A 53 -0.02 3.62 16.96
N ILE A 54 0.58 3.40 15.81
CA ILE A 54 1.79 4.10 15.51
C ILE A 54 1.53 5.58 15.39
N GLU A 55 0.45 5.92 14.68
CA GLU A 55 0.21 7.32 14.44
C GLU A 55 0.09 7.99 15.82
N GLU A 56 -0.55 7.27 16.72
CA GLU A 56 -0.67 7.83 18.07
C GLU A 56 0.64 7.99 18.83
N ALA A 57 1.48 6.95 18.76
CA ALA A 57 2.73 6.96 19.49
C ALA A 57 3.59 8.04 18.97
N LEU A 58 3.56 8.22 17.65
CA LEU A 58 4.41 9.26 17.07
C LEU A 58 4.16 10.59 17.72
N ASN A 59 3.09 10.72 18.47
CA ASN A 59 2.92 12.02 19.06
C ASN A 59 3.82 12.20 20.26
N GLU A 60 4.56 11.17 20.68
CA GLU A 60 5.41 11.35 21.84
C GLU A 60 6.77 11.88 21.46
N LEU A 61 7.06 11.98 20.17
CA LEU A 61 8.35 12.50 19.75
C LEU A 61 8.30 13.96 20.12
N PRO A 62 9.42 14.65 20.06
CA PRO A 62 9.41 16.08 20.40
C PRO A 62 9.32 16.96 19.15
N PHE A 63 8.80 18.18 19.29
CA PHE A 63 8.67 19.05 18.13
C PHE A 63 8.87 20.53 18.45
N GLN A 64 9.22 21.24 17.41
CA GLN A 64 9.53 22.62 17.54
C GLN A 64 8.43 23.32 16.76
N LYS A 65 8.29 24.63 16.93
CA LYS A 65 7.27 25.34 16.19
C LYS A 65 7.93 25.73 14.89
N LYS A 66 7.17 25.63 13.80
CA LYS A 66 7.70 26.03 12.52
C LYS A 66 6.63 26.93 11.88
N GLU A 67 7.08 27.96 11.19
CA GLU A 67 6.13 28.81 10.54
C GLU A 67 6.36 28.84 9.05
N VAL A 68 5.27 28.76 8.31
CA VAL A 68 5.44 28.73 6.87
C VAL A 68 4.46 29.65 6.24
N THR A 69 4.63 29.79 4.93
CA THR A 69 3.76 30.61 4.19
C THR A 69 3.10 29.80 3.10
N THR A 70 1.77 29.93 3.11
CA THR A 70 0.78 29.33 2.23
C THR A 70 0.95 29.82 0.80
N PRO A 71 0.24 29.23 -0.13
CA PRO A 71 0.32 29.65 -1.51
C PRO A 71 -0.48 30.94 -1.69
N LEU A 72 -1.29 31.24 -0.68
CA LEU A 72 -2.10 32.44 -0.66
C LEU A 72 -1.15 33.50 -0.12
N ASP A 73 0.06 33.10 0.19
CA ASP A 73 1.03 34.10 0.68
C ASP A 73 0.69 34.75 2.00
N VAL A 74 0.21 33.93 2.93
CA VAL A 74 -0.12 34.36 4.29
C VAL A 74 0.71 33.38 5.13
N SER A 75 0.90 33.69 6.42
CA SER A 75 1.69 32.86 7.32
C SER A 75 0.98 31.89 8.20
N TYR A 76 1.49 30.67 8.19
CA TYR A 76 0.87 29.67 9.00
C TYR A 76 1.87 29.22 10.02
N HIS A 77 1.37 29.04 11.22
CA HIS A 77 2.23 28.64 12.30
C HIS A 77 2.08 27.23 12.69
N GLY A 78 3.13 26.48 12.51
CA GLY A 78 2.97 25.10 12.82
C GLY A 78 4.14 24.49 13.50
N VAL A 79 4.32 23.22 13.20
CA VAL A 79 5.40 22.56 13.84
C VAL A 79 6.04 21.54 12.99
N SER A 80 7.21 21.16 13.47
CA SER A 80 8.00 20.20 12.78
C SER A 80 8.61 19.28 13.81
N PHE A 81 8.88 18.07 13.37
CA PHE A 81 9.51 17.08 14.23
C PHE A 81 10.96 16.95 13.69
N TYR A 82 11.97 17.14 14.55
CA TYR A 82 13.39 17.10 14.17
C TYR A 82 14.26 15.92 14.66
N SER A 83 13.76 15.14 15.60
CA SER A 83 14.47 14.00 16.20
C SER A 83 14.90 12.90 15.26
N LYS A 84 16.02 12.23 15.57
CA LYS A 84 16.49 11.13 14.73
C LYS A 84 15.84 9.97 15.46
N ILE A 85 15.17 9.05 14.76
CA ILE A 85 14.53 7.98 15.53
C ILE A 85 14.77 6.69 14.81
N CYS A 86 14.22 5.61 15.32
CA CYS A 86 14.38 4.34 14.66
C CYS A 86 13.39 3.49 15.41
N GLY A 87 13.08 2.33 14.83
CA GLY A 87 12.13 1.37 15.44
C GLY A 87 12.88 0.07 15.77
N VAL A 88 12.58 -0.54 16.90
CA VAL A 88 13.26 -1.76 17.23
C VAL A 88 12.16 -2.68 17.49
N SER A 89 12.26 -3.83 16.84
CA SER A 89 11.23 -4.85 17.01
C SER A 89 11.80 -6.05 17.73
N ILE A 90 10.94 -6.68 18.53
CA ILE A 90 11.28 -7.84 19.27
C ILE A 90 10.81 -9.04 18.44
N VAL A 91 11.74 -9.85 17.94
CA VAL A 91 11.34 -10.97 17.09
C VAL A 91 10.55 -12.05 17.81
N ARG A 92 9.47 -12.56 17.23
CA ARG A 92 9.01 -12.17 15.91
C ARG A 92 7.70 -11.37 15.91
N ALA A 93 6.86 -11.56 16.92
CA ALA A 93 5.58 -10.83 16.99
C ALA A 93 5.72 -9.31 16.81
N GLY A 94 6.85 -8.80 17.23
CA GLY A 94 7.05 -7.36 17.08
C GLY A 94 7.26 -7.01 15.63
N GLU A 95 7.81 -7.96 14.86
CA GLU A 95 8.09 -7.70 13.45
C GLU A 95 6.90 -7.19 12.63
N SER A 96 5.70 -7.65 12.98
CA SER A 96 4.47 -7.24 12.29
C SER A 96 4.17 -5.75 12.36
N MET A 97 4.85 -5.00 13.22
CA MET A 97 4.63 -3.57 13.37
C MET A 97 5.56 -2.75 12.53
N GLU A 98 6.66 -3.36 12.10
CA GLU A 98 7.60 -2.64 11.25
C GLU A 98 6.95 -1.94 10.04
N SER A 99 6.18 -2.74 9.34
CA SER A 99 5.47 -2.29 8.15
C SER A 99 4.71 -1.04 8.46
N GLY A 100 3.86 -1.11 9.48
CA GLY A 100 3.10 0.06 9.85
C GLY A 100 4.00 1.26 10.08
N LEU A 101 5.10 1.01 10.78
CA LEU A 101 6.05 2.05 11.10
C LEU A 101 6.68 2.55 9.85
N ARG A 102 6.95 1.65 8.93
CA ARG A 102 7.61 2.06 7.66
C ARG A 102 6.63 2.75 6.74
N ALA A 103 5.34 2.41 6.86
CA ALA A 103 4.40 3.09 5.95
C ALA A 103 4.27 4.57 6.19
N VAL A 104 4.53 5.01 7.43
CA VAL A 104 4.41 6.43 7.74
C VAL A 104 5.72 7.15 7.86
N CYS A 105 6.77 6.42 8.24
CA CYS A 105 8.10 7.01 8.30
C CYS A 105 8.94 6.29 7.22
N ARG A 106 8.84 6.83 6.01
CA ARG A 106 9.53 6.32 4.83
C ARG A 106 11.00 6.04 5.16
N GLY A 107 11.45 4.83 4.92
CA GLY A 107 12.85 4.45 5.17
C GLY A 107 13.40 4.55 6.58
N VAL A 108 12.56 4.57 7.62
CA VAL A 108 13.01 4.63 9.00
C VAL A 108 13.94 3.44 9.26
N ARG A 109 15.03 3.66 9.99
CA ARG A 109 15.97 2.57 10.33
C ARG A 109 15.24 1.57 11.25
N ILE A 110 15.53 0.28 11.11
CA ILE A 110 14.86 -0.76 11.91
C ILE A 110 15.83 -1.75 12.57
N GLY A 111 15.78 -1.82 13.90
CA GLY A 111 16.61 -2.73 14.64
C GLY A 111 15.70 -3.86 14.95
N LYS A 112 16.29 -5.00 15.21
CA LYS A 112 15.59 -6.22 15.52
C LYS A 112 16.32 -6.89 16.70
N ILE A 113 15.57 -7.37 17.67
CA ILE A 113 16.14 -8.08 18.86
C ILE A 113 15.45 -9.43 19.12
N LEU A 114 16.24 -10.48 19.19
CA LEU A 114 15.74 -11.83 19.43
C LEU A 114 15.95 -12.28 20.88
N ILE A 115 14.87 -12.41 21.61
CA ILE A 115 14.96 -12.81 22.99
C ILE A 115 14.26 -14.12 23.19
N GLN A 116 14.93 -15.02 23.93
CA GLN A 116 14.42 -16.35 24.24
C GLN A 116 14.45 -16.59 25.75
N ARG A 117 13.30 -16.89 26.37
CA ARG A 117 13.19 -17.22 27.81
C ARG A 117 13.93 -18.57 28.02
N ASP A 118 14.84 -18.64 28.99
CA ASP A 118 15.55 -19.91 29.23
C ASP A 118 14.65 -21.13 29.55
N GLU A 119 15.10 -22.31 29.14
CA GLU A 119 14.36 -23.56 29.34
C GLU A 119 14.26 -24.05 30.79
N THR A 120 15.39 -24.04 31.51
CA THR A 120 15.51 -24.50 32.91
C THR A 120 14.65 -23.62 33.80
N THR A 121 15.14 -22.38 33.91
CA THR A 121 14.47 -21.36 34.68
C THR A 121 13.49 -20.89 33.64
N ALA A 122 13.73 -19.68 33.14
CA ALA A 122 12.89 -19.11 32.11
C ALA A 122 13.35 -17.66 32.10
N GLU A 123 14.56 -17.48 32.60
CA GLU A 123 15.16 -16.17 32.62
C GLU A 123 15.22 -15.94 31.11
N PRO A 124 14.94 -14.72 30.66
CA PRO A 124 14.91 -14.42 29.23
C PRO A 124 16.31 -14.11 28.76
N LYS A 125 16.68 -14.72 27.64
CA LYS A 125 18.02 -14.53 27.07
C LYS A 125 18.08 -13.90 25.67
N LEU A 126 19.02 -12.98 25.57
CA LEU A 126 19.25 -12.28 24.35
C LEU A 126 19.96 -13.26 23.39
N ILE A 127 19.27 -13.63 22.31
CA ILE A 127 19.81 -14.56 21.34
C ILE A 127 20.47 -13.93 20.17
N TYR A 128 19.90 -12.84 19.69
CA TYR A 128 20.43 -12.23 18.49
C TYR A 128 20.02 -10.76 18.38
N GLU A 129 20.83 -9.94 17.71
CA GLU A 129 20.44 -8.54 17.57
C GLU A 129 21.17 -7.77 16.52
N LYS A 130 20.45 -6.89 15.84
CA LYS A 130 21.07 -6.06 14.81
C LYS A 130 20.43 -4.73 14.99
N LEU A 131 21.24 -3.79 15.45
CA LEU A 131 20.79 -2.47 15.74
C LEU A 131 21.54 -1.45 14.96
N PRO A 132 20.91 -0.31 14.76
CA PRO A 132 21.60 0.72 13.99
C PRO A 132 22.82 1.13 14.84
N ALA A 133 23.90 1.53 14.19
CA ALA A 133 25.08 1.90 14.95
C ALA A 133 24.89 2.94 16.02
N ASP A 134 24.47 4.12 15.59
CA ASP A 134 24.27 5.31 16.41
C ASP A 134 22.96 5.30 17.12
N ILE A 135 22.49 4.13 17.45
CA ILE A 135 21.24 4.07 18.13
C ILE A 135 21.32 4.82 19.46
N ARG A 136 22.50 5.10 20.02
CA ARG A 136 22.56 5.79 21.34
C ARG A 136 22.01 7.21 21.29
N GLU A 137 22.12 7.78 20.09
CA GLU A 137 21.63 9.11 19.88
C GLU A 137 20.19 9.22 19.42
N ARG A 138 19.49 8.10 19.22
CA ARG A 138 18.10 8.13 18.74
C ARG A 138 16.95 7.89 19.71
N TRP A 139 15.78 8.37 19.30
CA TRP A 139 14.60 8.04 20.09
C TRP A 139 14.24 6.70 19.46
N VAL A 140 13.72 5.85 20.34
CA VAL A 140 13.37 4.49 20.03
C VAL A 140 11.94 4.03 20.18
N MET A 141 11.39 3.51 19.09
CA MET A 141 10.06 3.00 19.13
C MET A 141 10.19 1.52 19.30
N LEU A 142 10.03 1.10 20.55
CA LEU A 142 10.16 -0.32 20.89
C LEU A 142 8.85 -1.02 20.59
N LEU A 143 8.92 -1.94 19.63
CA LEU A 143 7.75 -2.67 19.10
C LEU A 143 7.37 -4.08 19.62
N ASP A 144 6.22 -4.20 20.27
CA ASP A 144 5.81 -5.49 20.77
C ASP A 144 4.33 -5.65 21.13
N PRO A 145 3.63 -6.31 20.23
CA PRO A 145 2.19 -6.48 20.39
C PRO A 145 1.68 -6.84 21.77
N MET A 146 2.23 -7.83 22.45
CA MET A 146 1.71 -8.18 23.76
C MET A 146 2.56 -7.96 24.95
N CYS A 147 1.93 -7.54 26.04
CA CYS A 147 2.68 -7.32 27.26
C CYS A 147 2.09 -8.03 28.45
N ALA A 148 2.44 -9.32 28.57
CA ALA A 148 1.99 -10.19 29.68
C ALA A 148 2.74 -9.89 30.97
N THR A 149 3.88 -10.58 31.15
CA THR A 149 4.81 -10.46 32.30
C THR A 149 5.77 -9.31 32.15
N ALA A 150 5.98 -8.92 30.91
CA ALA A 150 6.88 -7.81 30.60
C ALA A 150 8.34 -8.30 30.64
N GLY A 151 8.46 -9.63 30.84
CA GLY A 151 9.76 -10.30 30.90
C GLY A 151 10.64 -9.86 29.73
N SER A 152 10.14 -10.08 28.52
CA SER A 152 10.91 -9.69 27.34
C SER A 152 11.17 -8.21 27.10
N VAL A 153 10.14 -7.40 27.19
CA VAL A 153 10.35 -5.99 26.90
C VAL A 153 11.37 -5.42 27.88
N CYS A 154 11.29 -5.94 29.09
CA CYS A 154 12.25 -5.51 30.10
C CYS A 154 13.66 -5.92 29.69
N LYS A 155 13.80 -7.11 29.17
CA LYS A 155 15.13 -7.53 28.76
C LYS A 155 15.58 -6.61 27.61
N ALA A 156 14.66 -6.38 26.67
CA ALA A 156 14.98 -5.54 25.50
C ALA A 156 15.49 -4.22 25.95
N ILE A 157 14.76 -3.70 26.95
CA ILE A 157 15.11 -2.39 27.50
C ILE A 157 16.48 -2.42 28.17
N GLU A 158 16.75 -3.50 28.90
CA GLU A 158 18.04 -3.69 29.54
C GLU A 158 19.11 -3.56 28.50
N VAL A 159 18.94 -4.30 27.41
CA VAL A 159 20.00 -4.11 26.44
C VAL A 159 20.12 -2.76 25.80
N LEU A 160 19.00 -2.13 25.49
CA LEU A 160 19.09 -0.84 24.84
C LEU A 160 19.85 0.11 25.74
N LEU A 161 19.50 0.07 27.01
CA LEU A 161 20.11 0.91 28.02
C LEU A 161 21.62 0.71 28.03
N ARG A 162 21.99 -0.57 27.99
CA ARG A 162 23.39 -1.02 28.00
C ARG A 162 24.18 -0.40 26.87
N LEU A 163 23.48 -0.15 25.77
CA LEU A 163 24.15 0.38 24.59
C LEU A 163 24.19 1.86 24.66
N GLY A 164 23.57 2.43 25.69
CA GLY A 164 23.56 3.89 25.81
C GLY A 164 22.27 4.61 25.45
N VAL A 165 21.21 3.85 25.22
CA VAL A 165 19.98 4.58 24.89
C VAL A 165 19.42 5.19 26.21
N LYS A 166 18.91 6.40 26.15
CA LYS A 166 18.39 7.01 27.32
C LYS A 166 16.99 6.45 27.60
N GLU A 167 16.77 6.05 28.84
CA GLU A 167 15.49 5.49 29.23
C GLU A 167 14.27 6.33 28.78
N GLU A 168 14.46 7.63 28.89
CA GLU A 168 13.46 8.66 28.61
C GLU A 168 13.18 8.83 27.11
N ARG A 169 14.05 8.27 26.28
CA ARG A 169 13.82 8.29 24.83
C ARG A 169 13.29 6.96 24.31
N ILE A 170 12.66 6.14 25.15
CA ILE A 170 12.15 4.86 24.64
C ILE A 170 10.64 4.83 24.69
N ILE A 171 10.00 4.64 23.55
CA ILE A 171 8.55 4.59 23.43
C ILE A 171 8.14 3.17 23.11
N PHE A 172 7.50 2.56 24.09
CA PHE A 172 7.07 1.18 23.98
C PHE A 172 5.72 1.19 23.35
N VAL A 173 5.64 0.73 22.11
CA VAL A 173 4.39 0.66 21.38
C VAL A 173 3.74 -0.73 21.49
N ASN A 174 2.51 -0.78 22.01
CA ASN A 174 1.87 -2.07 22.14
C ASN A 174 0.37 -2.13 21.93
N ILE A 175 -0.12 -3.33 21.65
CA ILE A 175 -1.53 -3.48 21.42
C ILE A 175 -2.35 -3.87 22.66
N LEU A 176 -1.92 -4.95 23.28
CA LEU A 176 -2.61 -5.52 24.41
C LEU A 176 -1.67 -5.74 25.59
N ALA A 177 -2.06 -5.18 26.73
CA ALA A 177 -1.24 -5.29 27.92
C ALA A 177 -2.00 -5.83 29.12
N ALA A 178 -1.25 -6.26 30.14
CA ALA A 178 -1.83 -6.79 31.37
C ALA A 178 -1.32 -5.90 32.45
N PRO A 179 -2.26 -5.56 33.32
CA PRO A 179 -2.02 -4.66 34.46
C PRO A 179 -0.68 -5.00 35.08
N GLN A 180 -0.45 -6.29 35.17
CA GLN A 180 0.80 -6.78 35.70
C GLN A 180 2.03 -6.45 34.88
N GLY A 181 2.00 -6.64 33.56
CA GLY A 181 3.18 -6.31 32.81
C GLY A 181 3.35 -4.78 32.91
N ILE A 182 2.26 -4.04 32.95
CA ILE A 182 2.42 -2.58 33.03
C ILE A 182 3.19 -2.19 34.26
N GLU A 183 2.81 -2.81 35.37
CA GLU A 183 3.47 -2.51 36.63
C GLU A 183 4.99 -2.81 36.70
N ARG A 184 5.38 -3.98 36.21
CA ARG A 184 6.76 -4.38 36.24
C ARG A 184 7.52 -3.45 35.32
N VAL A 185 6.93 -3.12 34.18
CA VAL A 185 7.67 -2.23 33.31
C VAL A 185 8.04 -0.90 33.99
N PHE A 186 7.07 -0.23 34.62
CA PHE A 186 7.38 1.07 35.25
C PHE A 186 8.12 0.99 36.59
N LYS A 187 8.01 -0.15 37.24
CA LYS A 187 8.74 -0.34 38.45
C LYS A 187 10.24 -0.37 38.09
N GLU A 188 10.64 -0.99 36.97
CA GLU A 188 12.07 -0.97 36.65
C GLU A 188 12.52 0.23 35.89
N TYR A 189 11.67 0.76 35.00
CA TYR A 189 12.04 1.91 34.11
C TYR A 189 10.99 2.94 34.00
N PRO A 190 10.74 3.59 35.11
CA PRO A 190 9.73 4.61 35.23
C PRO A 190 9.85 5.66 34.16
N LYS A 191 11.05 5.91 33.65
CA LYS A 191 11.14 6.95 32.62
C LYS A 191 10.63 6.59 31.23
N VAL A 192 10.36 5.32 30.96
CA VAL A 192 9.91 5.08 29.59
C VAL A 192 8.49 5.58 29.32
N ARG A 193 8.04 5.49 28.08
CA ARG A 193 6.66 5.91 27.71
C ARG A 193 6.06 4.67 27.09
N MET A 194 4.80 4.44 27.37
CA MET A 194 4.19 3.26 26.79
C MET A 194 2.85 3.65 26.19
N VAL A 195 2.64 3.27 24.96
CA VAL A 195 1.39 3.63 24.32
C VAL A 195 0.68 2.33 24.01
N THR A 196 -0.57 2.18 24.44
CA THR A 196 -1.24 0.90 24.19
C THR A 196 -2.68 1.04 23.68
N ALA A 197 -3.21 -0.02 23.08
CA ALA A 197 -4.58 -0.03 22.56
C ALA A 197 -5.52 -0.62 23.59
N ALA A 198 -4.98 -1.55 24.41
CA ALA A 198 -5.84 -2.24 25.38
C ALA A 198 -5.22 -2.97 26.58
N VAL A 199 -5.95 -2.89 27.67
CA VAL A 199 -5.53 -3.53 28.89
C VAL A 199 -6.54 -4.60 29.24
N ASP A 200 -6.07 -5.82 29.42
CA ASP A 200 -6.99 -6.87 29.75
C ASP A 200 -6.90 -7.10 31.24
N ILE A 201 -7.75 -8.00 31.68
CA ILE A 201 -7.90 -8.30 33.10
C ILE A 201 -6.85 -9.11 33.78
N CYS A 202 -6.75 -10.37 33.42
CA CYS A 202 -5.74 -11.19 34.06
C CYS A 202 -4.87 -11.97 33.10
N LEU A 203 -3.93 -12.67 33.72
CA LEU A 203 -2.89 -13.44 33.06
C LEU A 203 -3.06 -14.93 33.36
N ASN A 204 -2.87 -15.82 32.39
CA ASN A 204 -3.04 -17.26 32.73
C ASN A 204 -1.83 -18.11 33.22
N SER A 205 -2.08 -19.32 33.67
CA SER A 205 -0.94 -20.09 34.20
C SER A 205 0.10 -20.32 33.13
N ARG A 206 -0.35 -20.12 31.92
CA ARG A 206 0.55 -20.25 30.81
C ARG A 206 0.95 -18.82 30.48
N TYR A 207 0.51 -17.86 31.28
CA TYR A 207 0.84 -16.47 31.03
C TYR A 207 0.40 -15.90 29.65
N TYR A 208 -0.88 -16.09 29.39
CA TYR A 208 -1.50 -15.58 28.19
C TYR A 208 -2.49 -14.62 28.81
N ILE A 209 -2.59 -13.40 28.29
CA ILE A 209 -3.59 -12.45 28.80
C ILE A 209 -4.98 -12.94 28.45
N VAL A 210 -5.93 -12.49 29.27
CA VAL A 210 -7.36 -12.72 29.18
C VAL A 210 -8.33 -11.66 29.64
N PRO A 211 -9.45 -11.52 28.90
CA PRO A 211 -9.74 -12.40 27.74
C PRO A 211 -8.75 -12.61 26.58
N GLY A 212 -7.87 -11.65 26.43
CA GLY A 212 -6.84 -11.71 25.42
C GLY A 212 -7.13 -11.88 23.96
N ILE A 213 -6.08 -12.35 23.27
CA ILE A 213 -6.11 -12.55 21.83
C ILE A 213 -5.52 -13.87 21.33
N GLY A 214 -4.92 -14.64 22.23
CA GLY A 214 -4.29 -15.89 21.82
C GLY A 214 -2.83 -15.59 21.50
N ASP A 215 -2.22 -16.39 20.65
CA ASP A 215 -0.83 -16.19 20.36
C ASP A 215 -0.81 -15.28 19.16
N PHE A 216 -0.46 -14.04 19.41
CA PHE A 216 -0.47 -13.08 18.34
C PHE A 216 0.41 -13.44 17.12
N GLY A 217 1.70 -13.64 17.41
CA GLY A 217 2.72 -14.00 16.42
C GLY A 217 2.37 -15.19 15.51
N ASP A 218 1.83 -16.25 16.09
CA ASP A 218 1.42 -17.38 15.30
C ASP A 218 0.21 -16.98 14.41
N ARG A 219 -0.74 -16.27 15.01
CA ARG A 219 -1.95 -15.85 14.32
C ARG A 219 -1.59 -14.95 13.15
N TYR A 220 -0.73 -13.97 13.42
CA TYR A 220 -0.31 -13.03 12.35
C TYR A 220 0.51 -13.71 11.24
N PHE A 221 1.52 -14.52 11.60
CA PHE A 221 2.36 -15.19 10.61
C PHE A 221 1.79 -16.46 10.05
N GLY A 222 0.71 -16.93 10.66
CA GLY A 222 0.01 -18.10 10.15
C GLY A 222 0.70 -19.41 10.50
N THR A 223 1.55 -19.33 11.51
CA THR A 223 2.29 -20.52 11.97
C THR A 223 1.51 -21.23 13.05
N MET A 224 0.22 -21.05 12.98
CA MET A 224 -0.80 -21.62 13.85
C MET A 224 -0.44 -22.92 14.55
N GLN B 1 -8.59 -19.19 -34.63
CA GLN B 1 -8.68 -18.96 -33.17
C GLN B 1 -7.69 -17.93 -32.60
N GLU B 2 -7.84 -17.66 -31.28
CA GLU B 2 -7.00 -16.72 -30.57
C GLU B 2 -5.54 -16.57 -31.06
N GLU B 3 -4.83 -17.68 -31.28
CA GLU B 3 -3.45 -17.58 -31.77
C GLU B 3 -3.35 -16.96 -33.14
N SER B 4 -4.29 -17.29 -34.01
CA SER B 4 -4.23 -16.71 -35.36
C SER B 4 -4.39 -15.24 -35.14
N ILE B 5 -5.18 -14.91 -34.11
CA ILE B 5 -5.44 -13.53 -33.79
C ILE B 5 -4.26 -12.72 -33.29
N LEU B 6 -3.66 -13.07 -32.16
CA LEU B 6 -2.56 -12.25 -31.68
C LEU B 6 -1.46 -12.15 -32.71
N GLN B 7 -1.47 -13.12 -33.60
CA GLN B 7 -0.47 -13.16 -34.64
C GLN B 7 -0.63 -12.04 -35.68
N ASP B 8 -1.84 -11.94 -36.29
CA ASP B 8 -2.15 -10.93 -37.30
C ASP B 8 -1.87 -9.54 -36.80
N ILE B 9 -2.47 -9.22 -35.65
CA ILE B 9 -2.30 -7.88 -35.14
C ILE B 9 -0.85 -7.55 -34.79
N ILE B 10 -0.15 -8.50 -34.18
CA ILE B 10 1.25 -8.31 -33.81
C ILE B 10 2.02 -8.11 -35.10
N THR B 11 1.52 -8.73 -36.14
CA THR B 11 2.17 -8.63 -37.42
C THR B 11 1.76 -7.34 -38.15
N ARG B 12 0.48 -7.04 -38.09
CA ARG B 12 0.07 -5.86 -38.79
C ARG B 12 0.36 -4.59 -38.07
N PHE B 13 0.41 -4.63 -36.76
CA PHE B 13 0.63 -3.43 -35.99
C PHE B 13 1.81 -3.42 -35.10
N PRO B 14 2.95 -3.12 -35.67
CA PRO B 14 4.25 -3.04 -34.96
C PRO B 14 4.35 -2.15 -33.68
N ASN B 15 3.38 -1.30 -33.41
CA ASN B 15 3.46 -0.53 -32.18
C ASN B 15 2.57 -1.08 -31.08
N VAL B 16 2.07 -2.31 -31.22
CA VAL B 16 1.23 -2.87 -30.17
C VAL B 16 2.13 -3.65 -29.22
N VAL B 17 1.80 -3.71 -27.94
CA VAL B 17 2.62 -4.49 -27.03
C VAL B 17 1.69 -5.24 -26.14
N LEU B 18 1.67 -6.54 -26.34
CA LEU B 18 0.82 -7.43 -25.60
C LEU B 18 1.75 -7.87 -24.51
N MET B 19 1.25 -8.04 -23.28
CA MET B 19 2.11 -8.49 -22.20
C MET B 19 2.28 -10.02 -22.31
N LYS B 20 3.34 -10.53 -21.70
CA LYS B 20 3.59 -11.99 -21.72
C LYS B 20 2.43 -12.67 -21.10
N GLN B 21 1.90 -13.60 -21.85
CA GLN B 21 0.74 -14.35 -21.46
C GLN B 21 1.20 -15.46 -20.51
N THR B 22 1.53 -15.09 -19.29
CA THR B 22 1.98 -16.04 -18.30
C THR B 22 0.78 -16.69 -17.63
N ALA B 23 1.00 -17.80 -16.93
CA ALA B 23 -0.07 -18.52 -16.24
C ALA B 23 -0.85 -17.68 -15.26
N GLN B 24 -0.12 -16.87 -14.52
CA GLN B 24 -0.77 -16.00 -13.56
C GLN B 24 -1.70 -14.96 -14.11
N LEU B 25 -1.24 -14.34 -15.21
CA LEU B 25 -1.98 -13.30 -15.94
C LEU B 25 -3.27 -13.89 -16.32
N ARG B 26 -3.18 -15.06 -16.94
CA ARG B 26 -4.34 -15.76 -17.36
C ARG B 26 -5.28 -15.98 -16.20
N ALA B 27 -4.68 -16.51 -15.15
CA ALA B 27 -5.27 -16.76 -13.86
C ALA B 27 -5.95 -15.49 -13.38
N MET B 28 -5.25 -14.37 -13.50
CA MET B 28 -5.81 -13.13 -13.03
C MET B 28 -7.02 -12.77 -13.88
N MET B 29 -6.80 -12.83 -15.19
CA MET B 29 -7.83 -12.50 -16.16
C MET B 29 -8.91 -13.46 -15.82
N THR B 30 -8.57 -14.70 -15.47
CA THR B 30 -9.71 -15.55 -15.16
C THR B 30 -10.60 -15.11 -14.04
N ILE B 31 -10.00 -14.56 -12.99
CA ILE B 31 -10.85 -14.13 -11.93
C ILE B 31 -11.59 -12.83 -12.33
N ILE B 32 -10.87 -11.85 -12.87
CA ILE B 32 -11.59 -10.63 -13.19
C ILE B 32 -12.66 -10.89 -14.26
N ARG B 33 -12.46 -11.87 -15.14
CA ARG B 33 -13.52 -12.03 -16.14
C ARG B 33 -14.79 -12.74 -15.65
N ASP B 34 -14.68 -13.45 -14.54
CA ASP B 34 -15.80 -14.22 -14.11
C ASP B 34 -16.92 -13.39 -13.57
N LYS B 35 -18.15 -13.78 -13.92
CA LYS B 35 -19.31 -13.02 -13.44
C LYS B 35 -19.67 -13.28 -11.99
N GLU B 36 -19.06 -14.27 -11.36
CA GLU B 36 -19.42 -14.52 -9.99
C GLU B 36 -18.41 -13.96 -8.99
N THR B 37 -17.30 -13.41 -9.47
CA THR B 37 -16.32 -12.87 -8.55
C THR B 37 -16.88 -11.57 -8.00
N PRO B 38 -16.85 -11.50 -6.67
CA PRO B 38 -17.29 -10.41 -5.82
C PRO B 38 -16.41 -9.15 -5.90
N LYS B 39 -17.04 -8.03 -5.63
CA LYS B 39 -16.37 -6.77 -5.68
C LYS B 39 -14.99 -6.66 -5.05
N GLU B 40 -14.85 -7.10 -3.80
CA GLU B 40 -13.59 -7.00 -3.05
C GLU B 40 -12.44 -7.63 -3.80
N GLU B 41 -12.74 -8.78 -4.37
CA GLU B 41 -11.77 -9.52 -5.12
C GLU B 41 -11.47 -8.94 -6.47
N PHE B 42 -12.50 -8.61 -7.21
CA PHE B 42 -12.37 -8.03 -8.54
C PHE B 42 -11.38 -6.83 -8.48
N VAL B 43 -11.56 -5.98 -7.47
CA VAL B 43 -10.68 -4.82 -7.30
C VAL B 43 -9.27 -5.28 -6.95
N PHE B 44 -9.17 -6.18 -5.98
CA PHE B 44 -7.84 -6.70 -5.58
C PHE B 44 -7.08 -7.25 -6.80
N TYR B 45 -7.73 -8.11 -7.56
CA TYR B 45 -7.05 -8.62 -8.75
C TYR B 45 -6.84 -7.64 -9.93
N ALA B 46 -7.78 -6.74 -10.12
CA ALA B 46 -7.64 -5.74 -11.19
C ALA B 46 -6.45 -4.85 -10.88
N ASP B 47 -6.35 -4.48 -9.58
CA ASP B 47 -5.23 -3.65 -9.21
C ASP B 47 -3.91 -4.40 -9.42
N ARG B 48 -3.97 -5.67 -9.10
CA ARG B 48 -2.76 -6.46 -9.20
C ARG B 48 -2.23 -6.54 -10.62
N LEU B 49 -3.15 -6.64 -11.56
CA LEU B 49 -2.82 -6.80 -12.97
C LEU B 49 -2.37 -5.51 -13.51
N ILE B 50 -3.15 -4.48 -13.19
CA ILE B 50 -2.88 -3.13 -13.65
C ILE B 50 -1.43 -2.74 -13.27
N ARG B 51 -1.02 -3.08 -12.07
CA ARG B 51 0.32 -2.79 -11.64
C ARG B 51 1.37 -3.46 -12.56
N LEU B 52 1.10 -4.69 -12.99
CA LEU B 52 2.05 -5.34 -13.90
C LEU B 52 1.98 -4.72 -15.26
N LEU B 53 0.77 -4.33 -15.63
CA LEU B 53 0.61 -3.72 -16.93
C LEU B 53 1.45 -2.41 -17.02
N ILE B 54 1.37 -1.58 -15.99
CA ILE B 54 2.12 -0.31 -15.97
C ILE B 54 3.66 -0.50 -15.95
N GLU B 55 4.11 -1.51 -15.19
CA GLU B 55 5.53 -1.80 -15.14
C GLU B 55 5.94 -2.08 -16.61
N GLU B 56 5.12 -2.85 -17.31
CA GLU B 56 5.35 -3.17 -18.70
C GLU B 56 5.43 -1.88 -19.58
N ALA B 57 4.40 -1.02 -19.51
CA ALA B 57 4.40 0.18 -20.32
C ALA B 57 5.58 1.07 -20.03
N LEU B 58 5.96 1.16 -18.74
CA LEU B 58 7.08 2.04 -18.38
C LEU B 58 8.29 1.73 -19.26
N ASN B 59 8.35 0.53 -19.83
CA ASN B 59 9.50 0.23 -20.66
C ASN B 59 9.49 0.94 -22.01
N GLU B 60 8.35 1.48 -22.40
CA GLU B 60 8.28 2.19 -23.69
C GLU B 60 8.97 3.55 -23.67
N LEU B 61 9.35 4.07 -22.51
CA LEU B 61 9.97 5.41 -22.44
C LEU B 61 11.45 5.47 -22.77
N PRO B 62 11.89 6.57 -23.32
CA PRO B 62 13.31 6.74 -23.61
C PRO B 62 14.25 6.63 -22.37
N PHE B 63 15.44 6.06 -22.56
CA PHE B 63 16.38 5.99 -21.43
C PHE B 63 17.85 6.24 -21.75
N GLN B 64 18.51 6.83 -20.77
CA GLN B 64 19.94 7.14 -20.82
C GLN B 64 20.80 6.05 -20.17
N LYS B 65 22.07 6.10 -20.50
CA LYS B 65 23.00 5.14 -19.93
C LYS B 65 23.50 5.85 -18.70
N LYS B 66 23.88 5.03 -17.71
CA LYS B 66 24.42 5.56 -16.49
C LYS B 66 25.35 4.54 -15.88
N GLU B 67 26.53 5.01 -15.55
CA GLU B 67 27.47 4.12 -14.91
C GLU B 67 27.46 4.52 -13.45
N VAL B 68 27.34 3.56 -12.54
CA VAL B 68 27.39 3.96 -11.14
C VAL B 68 28.51 3.18 -10.55
N THR B 69 28.78 3.54 -9.30
CA THR B 69 29.79 2.87 -8.52
C THR B 69 29.14 2.27 -7.29
N THR B 70 29.27 0.99 -7.22
CA THR B 70 28.70 0.22 -6.15
C THR B 70 29.47 0.32 -4.80
N PRO B 71 28.93 -0.23 -3.72
CA PRO B 71 29.69 -0.17 -2.47
C PRO B 71 30.97 -0.98 -2.63
N LEU B 72 31.02 -1.98 -3.49
CA LEU B 72 32.29 -2.68 -3.63
C LEU B 72 33.36 -1.80 -4.34
N ASP B 73 33.04 -0.49 -4.42
CA ASP B 73 33.93 0.48 -5.00
C ASP B 73 34.31 0.14 -6.41
N VAL B 74 33.31 -0.31 -7.16
CA VAL B 74 33.49 -0.71 -8.56
C VAL B 74 32.34 -0.27 -9.44
N SER B 75 32.57 -0.30 -10.74
CA SER B 75 31.57 0.17 -11.69
C SER B 75 30.44 -0.67 -12.23
N TYR B 76 29.32 0.00 -12.41
CA TYR B 76 28.19 -0.70 -12.95
C TYR B 76 27.58 0.20 -14.01
N HIS B 77 27.29 -0.40 -15.16
CA HIS B 77 26.69 0.38 -16.21
C HIS B 77 25.21 0.15 -16.30
N GLY B 78 24.50 1.08 -15.65
CA GLY B 78 23.05 1.05 -15.61
C GLY B 78 22.45 1.91 -16.74
N VAL B 79 21.22 2.34 -16.49
CA VAL B 79 20.53 3.14 -17.47
C VAL B 79 19.69 3.99 -16.55
N SER B 80 19.14 5.05 -17.12
CA SER B 80 18.27 5.91 -16.35
C SER B 80 17.22 6.43 -17.27
N PHE B 81 16.05 6.68 -16.70
CA PHE B 81 14.90 7.19 -17.45
C PHE B 81 14.80 8.63 -17.06
N TYR B 82 14.92 9.50 -18.06
CA TYR B 82 14.93 10.95 -17.83
C TYR B 82 13.75 11.79 -18.33
N SER B 83 12.84 11.23 -19.11
CA SER B 83 11.74 12.05 -19.64
C SER B 83 10.73 12.64 -18.65
N LYS B 84 9.97 13.66 -19.07
CA LYS B 84 8.93 14.21 -18.24
C LYS B 84 7.70 13.45 -18.72
N ILE B 85 6.94 12.95 -17.75
CA ILE B 85 5.73 12.19 -18.02
C ILE B 85 4.58 12.60 -17.17
N CYS B 86 3.48 11.93 -17.38
CA CYS B 86 2.29 12.21 -16.62
C CYS B 86 1.33 11.16 -17.14
N GLY B 87 0.33 10.84 -16.33
CA GLY B 87 -0.67 9.88 -16.73
C GLY B 87 -1.92 10.73 -17.07
N VAL B 88 -2.81 10.20 -17.90
CA VAL B 88 -4.01 10.95 -18.27
C VAL B 88 -5.08 9.89 -18.28
N SER B 89 -6.04 10.05 -17.38
CA SER B 89 -7.06 9.07 -17.30
C SER B 89 -8.31 9.45 -18.07
N ILE B 90 -8.84 8.48 -18.76
CA ILE B 90 -10.05 8.70 -19.47
C ILE B 90 -11.15 8.45 -18.43
N VAL B 91 -11.84 9.50 -17.94
CA VAL B 91 -12.89 9.33 -16.92
C VAL B 91 -14.10 8.58 -17.45
N ARG B 92 -14.66 7.64 -16.70
CA ARG B 92 -14.33 7.20 -15.36
C ARG B 92 -13.50 5.89 -15.25
N ALA B 93 -13.70 4.92 -16.15
CA ALA B 93 -12.92 3.67 -16.06
C ALA B 93 -11.39 3.85 -16.03
N GLY B 94 -10.89 4.85 -16.72
CA GLY B 94 -9.47 5.02 -16.70
C GLY B 94 -9.03 5.38 -15.31
N GLU B 95 -9.91 5.91 -14.49
CA GLU B 95 -9.40 6.32 -13.16
C GLU B 95 -8.81 5.23 -12.28
N SER B 96 -9.28 4.02 -12.52
CA SER B 96 -8.83 2.87 -11.74
C SER B 96 -7.34 2.60 -11.90
N MET B 97 -6.69 3.19 -12.90
CA MET B 97 -5.32 2.86 -13.18
C MET B 97 -4.37 3.90 -12.64
N GLU B 98 -4.93 4.97 -12.12
CA GLU B 98 -4.04 6.00 -11.63
C GLU B 98 -3.16 5.42 -10.51
N SER B 99 -3.84 4.83 -9.54
CA SER B 99 -3.21 4.25 -8.38
C SER B 99 -2.03 3.40 -8.75
N GLY B 100 -2.19 2.58 -9.77
CA GLY B 100 -1.11 1.72 -10.17
C GLY B 100 0.09 2.59 -10.53
N LEU B 101 -0.21 3.58 -11.34
CA LEU B 101 0.75 4.53 -11.83
C LEU B 101 1.32 5.27 -10.64
N ARG B 102 0.48 5.78 -9.81
CA ARG B 102 1.08 6.43 -8.68
C ARG B 102 1.86 5.55 -7.71
N ALA B 103 1.62 4.24 -7.69
CA ALA B 103 2.35 3.37 -6.77
C ALA B 103 3.76 3.23 -7.32
N VAL B 104 3.92 3.26 -8.64
CA VAL B 104 5.27 3.06 -9.11
C VAL B 104 6.03 4.32 -9.43
N CYS B 105 5.29 5.40 -9.80
CA CYS B 105 5.84 6.71 -10.10
C CYS B 105 5.24 7.65 -9.11
N ARG B 106 5.91 7.83 -7.96
CA ARG B 106 5.40 8.69 -6.91
C ARG B 106 5.16 10.15 -7.30
N GLY B 107 3.96 10.70 -7.06
CA GLY B 107 3.79 12.13 -7.38
C GLY B 107 3.68 12.52 -8.86
N VAL B 108 3.61 11.54 -9.78
CA VAL B 108 3.43 11.90 -11.22
C VAL B 108 2.22 12.78 -11.36
N ARG B 109 2.32 13.70 -12.28
CA ARG B 109 1.18 14.55 -12.51
C ARG B 109 0.13 13.67 -13.24
N ILE B 110 -1.14 13.88 -12.89
CA ILE B 110 -2.24 13.16 -13.48
C ILE B 110 -3.26 14.09 -14.08
N GLY B 111 -3.51 13.98 -15.37
CA GLY B 111 -4.53 14.78 -15.99
C GLY B 111 -5.70 13.85 -16.19
N LYS B 112 -6.87 14.45 -16.29
CA LYS B 112 -8.12 13.75 -16.48
C LYS B 112 -8.85 14.30 -17.71
N ILE B 113 -9.62 13.44 -18.36
CA ILE B 113 -10.45 13.81 -19.53
C ILE B 113 -11.74 12.99 -19.48
N LEU B 114 -12.88 13.67 -19.44
CA LEU B 114 -14.17 12.98 -19.41
C LEU B 114 -14.83 13.24 -20.75
N ILE B 115 -15.11 12.15 -21.43
CA ILE B 115 -15.67 12.18 -22.78
C ILE B 115 -16.92 11.34 -22.80
N GLN B 116 -18.02 11.89 -23.33
CA GLN B 116 -19.22 11.10 -23.41
C GLN B 116 -19.83 11.05 -24.83
N ARG B 117 -20.48 9.95 -25.17
CA ARG B 117 -21.10 9.86 -26.49
C ARG B 117 -22.45 10.47 -26.28
N ASP B 118 -22.82 11.34 -27.19
CA ASP B 118 -24.11 11.98 -27.08
C ASP B 118 -25.30 10.99 -27.07
N GLU B 119 -26.25 11.27 -26.19
CA GLU B 119 -27.46 10.45 -26.03
C GLU B 119 -28.23 10.03 -27.28
N THR B 120 -28.19 10.86 -28.30
CA THR B 120 -28.94 10.58 -29.51
C THR B 120 -28.02 10.30 -30.69
N THR B 121 -27.11 11.24 -30.87
CA THR B 121 -26.17 11.19 -31.96
C THR B 121 -25.08 10.15 -31.79
N ALA B 122 -24.77 9.78 -30.55
CA ALA B 122 -23.68 8.82 -30.29
C ALA B 122 -22.30 9.45 -30.45
N GLU B 123 -22.26 10.66 -30.95
CA GLU B 123 -20.97 11.29 -31.07
C GLU B 123 -20.37 11.48 -29.68
N PRO B 124 -19.07 11.32 -29.63
CA PRO B 124 -18.36 11.39 -28.37
C PRO B 124 -17.85 12.79 -28.33
N LYS B 125 -17.98 13.38 -27.18
CA LYS B 125 -17.60 14.77 -27.04
C LYS B 125 -16.87 14.98 -25.75
N LEU B 126 -16.01 15.99 -25.76
CA LEU B 126 -15.23 16.32 -24.59
C LEU B 126 -16.23 16.99 -23.65
N ILE B 127 -16.34 16.49 -22.43
CA ILE B 127 -17.26 17.07 -21.46
C ILE B 127 -16.45 17.83 -20.41
N TYR B 128 -15.34 17.25 -20.01
CA TYR B 128 -14.53 17.90 -19.01
C TYR B 128 -13.06 17.43 -19.14
N GLU B 129 -12.14 18.34 -18.87
CA GLU B 129 -10.69 18.06 -18.88
C GLU B 129 -9.90 19.01 -17.91
N LYS B 130 -8.92 18.47 -17.19
CA LYS B 130 -8.02 19.21 -16.28
C LYS B 130 -6.67 18.55 -16.51
N LEU B 131 -5.70 19.22 -17.13
CA LEU B 131 -4.42 18.56 -17.42
C LEU B 131 -3.28 19.45 -17.06
N PRO B 132 -2.13 18.87 -16.86
CA PRO B 132 -0.91 19.62 -16.58
C PRO B 132 -0.73 20.68 -17.65
N ALA B 133 -0.33 21.85 -17.20
CA ALA B 133 -0.13 22.98 -18.07
C ALA B 133 0.84 22.73 -19.22
N ASP B 134 1.88 21.94 -18.98
CA ASP B 134 2.88 21.71 -19.99
C ASP B 134 2.81 20.36 -20.60
N ILE B 135 1.63 19.77 -20.65
CA ILE B 135 1.57 18.42 -21.20
C ILE B 135 2.27 18.25 -22.56
N ARG B 136 2.29 19.32 -23.35
CA ARG B 136 2.95 19.26 -24.64
C ARG B 136 4.41 18.97 -24.50
N GLU B 137 4.93 19.27 -23.31
CA GLU B 137 6.33 19.01 -23.06
C GLU B 137 6.58 17.57 -22.58
N ARG B 138 5.49 16.84 -22.34
CA ARG B 138 5.62 15.48 -21.80
C ARG B 138 5.22 14.28 -22.63
N TRP B 139 5.60 13.14 -22.05
CA TRP B 139 5.28 11.82 -22.57
C TRP B 139 3.97 11.40 -21.85
N VAL B 140 2.95 11.05 -22.61
CA VAL B 140 1.63 10.74 -21.99
C VAL B 140 1.24 9.26 -21.82
N MET B 141 1.04 8.84 -20.58
CA MET B 141 0.57 7.48 -20.35
C MET B 141 -0.95 7.71 -20.31
N LEU B 142 -1.64 7.21 -21.33
CA LEU B 142 -3.10 7.34 -21.47
C LEU B 142 -3.78 6.09 -20.98
N LEU B 143 -4.52 6.15 -19.89
CA LEU B 143 -5.13 4.90 -19.46
C LEU B 143 -6.63 4.74 -19.68
N ASP B 144 -6.97 3.61 -20.27
CA ASP B 144 -8.33 3.24 -20.53
C ASP B 144 -8.28 1.73 -20.65
N PRO B 145 -8.94 1.09 -19.70
CA PRO B 145 -8.92 -0.38 -19.51
C PRO B 145 -9.42 -1.17 -20.73
N MET B 146 -10.43 -0.58 -21.33
CA MET B 146 -11.04 -1.18 -22.46
C MET B 146 -11.04 -0.48 -23.80
N CYS B 147 -10.77 -1.20 -24.88
CA CYS B 147 -10.79 -0.56 -26.16
C CYS B 147 -11.53 -1.42 -27.19
N ALA B 148 -12.81 -1.08 -27.40
CA ALA B 148 -13.76 -1.79 -28.27
C ALA B 148 -13.76 -1.35 -29.71
N THR B 149 -14.53 -0.29 -29.83
CA THR B 149 -14.77 0.43 -31.06
C THR B 149 -13.68 1.51 -31.22
N ALA B 150 -13.15 2.01 -30.08
CA ALA B 150 -12.09 3.04 -30.04
C ALA B 150 -12.54 4.48 -30.25
N GLY B 151 -13.86 4.64 -30.21
CA GLY B 151 -14.42 5.96 -30.39
C GLY B 151 -13.84 6.85 -29.32
N SER B 152 -13.92 6.36 -28.08
CA SER B 152 -13.44 7.15 -26.97
C SER B 152 -11.95 7.54 -26.98
N VAL B 153 -11.07 6.58 -27.04
CA VAL B 153 -9.69 6.91 -26.99
C VAL B 153 -9.27 7.78 -28.19
N CYS B 154 -9.83 7.55 -29.36
CA CYS B 154 -9.44 8.40 -30.50
C CYS B 154 -9.71 9.87 -30.22
N LYS B 155 -10.86 10.16 -29.62
CA LYS B 155 -11.22 11.52 -29.25
C LYS B 155 -10.30 12.06 -28.22
N ALA B 156 -9.91 11.17 -27.30
CA ALA B 156 -9.01 11.58 -26.23
C ALA B 156 -7.73 12.03 -26.91
N ILE B 157 -7.25 11.19 -27.83
CA ILE B 157 -5.98 11.49 -28.50
C ILE B 157 -6.02 12.86 -29.19
N GLU B 158 -7.07 13.00 -30.00
CA GLU B 158 -7.34 14.23 -30.71
C GLU B 158 -7.20 15.50 -29.82
N VAL B 159 -7.76 15.50 -28.62
CA VAL B 159 -7.63 16.67 -27.79
C VAL B 159 -6.18 16.85 -27.30
N LEU B 160 -5.50 15.75 -27.02
CA LEU B 160 -4.11 15.93 -26.62
C LEU B 160 -3.36 16.51 -27.83
N LEU B 161 -3.71 16.08 -29.03
CA LEU B 161 -2.98 16.63 -30.15
C LEU B 161 -3.29 18.12 -30.30
N ARG B 162 -4.53 18.51 -30.00
CA ARG B 162 -4.94 19.92 -30.14
C ARG B 162 -4.20 20.70 -29.16
N LEU B 163 -3.90 20.07 -28.03
CA LEU B 163 -3.11 20.73 -27.00
C LEU B 163 -1.61 20.76 -27.31
N GLY B 164 -1.23 20.04 -28.33
CA GLY B 164 0.18 20.04 -28.70
C GLY B 164 1.04 18.85 -28.26
N VAL B 165 0.48 17.78 -27.72
CA VAL B 165 1.38 16.71 -27.35
C VAL B 165 1.79 16.01 -28.66
N LYS B 166 2.99 15.43 -28.71
CA LYS B 166 3.55 14.74 -29.90
C LYS B 166 2.91 13.36 -29.92
N GLU B 167 2.37 12.96 -31.07
CA GLU B 167 1.64 11.69 -31.25
C GLU B 167 2.51 10.51 -30.85
N GLU B 168 3.77 10.65 -31.23
CA GLU B 168 4.74 9.62 -30.94
C GLU B 168 5.06 9.55 -29.45
N ARG B 169 4.69 10.57 -28.67
CA ARG B 169 4.98 10.59 -27.26
C ARG B 169 3.83 10.11 -26.41
N ILE B 170 2.82 9.52 -27.04
CA ILE B 170 1.68 9.04 -26.30
C ILE B 170 1.72 7.51 -26.24
N ILE B 171 1.66 7.00 -25.03
CA ILE B 171 1.65 5.55 -24.77
C ILE B 171 0.27 5.19 -24.19
N PHE B 172 -0.49 4.51 -25.02
CA PHE B 172 -1.82 4.11 -24.67
C PHE B 172 -1.78 2.79 -23.90
N VAL B 173 -2.09 2.88 -22.60
CA VAL B 173 -2.11 1.76 -21.65
C VAL B 173 -3.50 1.12 -21.48
N ASN B 174 -3.64 -0.11 -22.00
CA ASN B 174 -4.95 -0.73 -21.99
C ASN B 174 -5.08 -2.13 -21.41
N ILE B 175 -6.21 -2.47 -20.79
CA ILE B 175 -6.26 -3.80 -20.23
C ILE B 175 -6.79 -4.83 -21.21
N LEU B 176 -7.85 -4.46 -21.90
CA LEU B 176 -8.42 -5.38 -22.85
C LEU B 176 -8.77 -4.63 -24.11
N ALA B 177 -8.54 -5.26 -25.26
CA ALA B 177 -8.82 -4.67 -26.57
C ALA B 177 -9.49 -5.67 -27.50
N ALA B 178 -10.11 -5.11 -28.53
CA ALA B 178 -10.76 -5.90 -29.57
C ALA B 178 -10.00 -5.46 -30.82
N PRO B 179 -9.90 -6.36 -31.79
CA PRO B 179 -9.16 -6.07 -33.05
C PRO B 179 -9.63 -4.78 -33.70
N GLN B 180 -10.95 -4.61 -33.83
CA GLN B 180 -11.54 -3.43 -34.44
C GLN B 180 -10.91 -2.18 -33.80
N GLY B 181 -10.93 -2.17 -32.47
CA GLY B 181 -10.39 -1.08 -31.71
C GLY B 181 -8.96 -0.83 -32.17
N ILE B 182 -8.14 -1.86 -32.17
CA ILE B 182 -6.76 -1.60 -32.52
C ILE B 182 -6.57 -1.09 -33.91
N GLU B 183 -7.27 -1.68 -34.85
CA GLU B 183 -7.08 -1.20 -36.22
C GLU B 183 -7.44 0.29 -36.33
N ARG B 184 -8.56 0.69 -35.73
CA ARG B 184 -8.95 2.10 -35.76
C ARG B 184 -7.92 3.05 -35.17
N VAL B 185 -7.46 2.78 -33.94
CA VAL B 185 -6.47 3.66 -33.33
C VAL B 185 -5.25 3.80 -34.27
N PHE B 186 -4.91 2.68 -34.87
CA PHE B 186 -3.79 2.78 -35.73
C PHE B 186 -3.99 3.46 -37.07
N LYS B 187 -5.17 3.28 -37.64
CA LYS B 187 -5.45 3.92 -38.92
C LYS B 187 -5.33 5.42 -38.70
N GLU B 188 -5.87 5.85 -37.56
CA GLU B 188 -5.91 7.24 -37.13
C GLU B 188 -4.69 7.87 -36.54
N TYR B 189 -3.94 7.19 -35.66
CA TYR B 189 -2.74 7.83 -35.14
C TYR B 189 -1.75 6.72 -35.11
N PRO B 190 -1.20 6.43 -36.28
CA PRO B 190 -0.23 5.36 -36.45
C PRO B 190 1.02 5.45 -35.56
N LYS B 191 1.35 6.67 -35.12
CA LYS B 191 2.54 6.90 -34.32
C LYS B 191 2.42 6.67 -32.80
N VAL B 192 1.22 6.36 -32.29
CA VAL B 192 1.14 6.15 -30.84
C VAL B 192 1.56 4.74 -30.48
N ARG B 193 1.74 4.49 -29.19
CA ARG B 193 2.10 3.17 -28.73
C ARG B 193 0.99 2.65 -27.89
N MET B 194 0.76 1.35 -28.03
CA MET B 194 -0.31 0.72 -27.27
C MET B 194 0.21 -0.53 -26.51
N VAL B 195 0.03 -0.56 -25.20
CA VAL B 195 0.48 -1.75 -24.48
C VAL B 195 -0.79 -2.37 -23.92
N THR B 196 -1.03 -3.62 -24.23
CA THR B 196 -2.26 -4.16 -23.71
C THR B 196 -1.98 -5.50 -23.07
N ALA B 197 -2.97 -6.02 -22.35
CA ALA B 197 -2.85 -7.28 -21.65
C ALA B 197 -3.63 -8.40 -22.27
N ALA B 198 -4.46 -8.11 -23.28
CA ALA B 198 -5.24 -9.18 -23.87
C ALA B 198 -6.01 -8.59 -25.03
N VAL B 199 -6.23 -9.39 -26.07
CA VAL B 199 -7.07 -8.99 -27.18
C VAL B 199 -8.18 -10.05 -27.36
N ASP B 200 -9.44 -9.62 -27.26
CA ASP B 200 -10.59 -10.54 -27.37
C ASP B 200 -10.99 -10.80 -28.83
N ILE B 201 -12.02 -11.60 -29.03
CA ILE B 201 -12.38 -11.93 -30.38
C ILE B 201 -13.16 -10.90 -31.11
N CYS B 202 -14.19 -10.37 -30.49
CA CYS B 202 -15.03 -9.41 -31.21
C CYS B 202 -15.96 -8.58 -30.34
N LEU B 203 -16.83 -7.82 -31.01
CA LEU B 203 -17.78 -6.98 -30.29
C LEU B 203 -19.21 -7.59 -30.29
N ASN B 204 -20.06 -7.40 -29.28
CA ASN B 204 -21.39 -8.00 -29.44
C ASN B 204 -22.13 -7.05 -30.35
N SER B 205 -23.34 -7.50 -30.65
CA SER B 205 -24.28 -6.79 -31.48
C SER B 205 -24.37 -5.39 -30.80
N ARG B 206 -24.20 -5.36 -29.48
CA ARG B 206 -24.29 -4.14 -28.67
C ARG B 206 -22.97 -3.41 -28.39
N TYR B 207 -21.94 -3.78 -29.12
CA TYR B 207 -20.68 -3.06 -28.88
C TYR B 207 -19.79 -3.37 -27.65
N TYR B 208 -20.03 -4.56 -27.10
CA TYR B 208 -19.26 -5.08 -25.97
C TYR B 208 -18.26 -6.10 -26.55
N ILE B 209 -17.11 -6.19 -25.92
CA ILE B 209 -16.07 -7.12 -26.37
C ILE B 209 -16.35 -8.50 -25.81
N VAL B 210 -16.17 -9.55 -26.61
CA VAL B 210 -16.40 -10.91 -26.12
C VAL B 210 -15.18 -11.78 -26.39
N PRO B 211 -14.93 -12.72 -25.49
CA PRO B 211 -15.77 -12.97 -24.32
C PRO B 211 -15.88 -11.89 -23.28
N GLY B 212 -14.92 -10.99 -23.31
CA GLY B 212 -14.92 -9.80 -22.44
C GLY B 212 -14.87 -9.90 -20.91
N ILE B 213 -15.25 -8.79 -20.28
CA ILE B 213 -15.23 -8.68 -18.84
C ILE B 213 -16.48 -7.90 -18.48
N GLY B 214 -17.15 -7.36 -19.48
CA GLY B 214 -18.36 -6.60 -19.16
C GLY B 214 -17.97 -5.16 -18.87
N ASP B 215 -18.82 -4.45 -18.14
CA ASP B 215 -18.52 -3.06 -17.88
C ASP B 215 -17.47 -2.94 -16.82
N PHE B 216 -16.28 -2.59 -17.21
CA PHE B 216 -15.23 -2.51 -16.24
C PHE B 216 -15.48 -1.53 -15.10
N GLY B 217 -15.67 -0.29 -15.48
CA GLY B 217 -15.92 0.82 -14.54
C GLY B 217 -16.97 0.50 -13.50
N ASP B 218 -18.04 -0.15 -13.94
CA ASP B 218 -19.11 -0.50 -13.00
C ASP B 218 -18.62 -1.61 -12.02
N ARG B 219 -17.97 -2.65 -12.54
CA ARG B 219 -17.46 -3.71 -11.65
C ARG B 219 -16.34 -3.10 -10.81
N TYR B 220 -15.50 -2.24 -11.36
CA TYR B 220 -14.49 -1.66 -10.53
C TYR B 220 -15.02 -0.74 -9.44
N PHE B 221 -15.87 0.23 -9.78
CA PHE B 221 -16.34 1.17 -8.75
C PHE B 221 -17.51 0.70 -7.93
N GLY B 222 -18.12 -0.40 -8.36
CA GLY B 222 -19.26 -0.88 -7.64
C GLY B 222 -20.57 -0.23 -8.09
N THR B 223 -20.73 0.12 -9.36
CA THR B 223 -22.00 0.70 -9.84
C THR B 223 -22.90 -0.33 -10.57
N MET B 224 -22.50 -1.59 -10.57
CA MET B 224 -23.27 -2.69 -11.13
C MET B 224 -24.43 -3.01 -10.17
N GLN C 1 29.60 -10.18 -22.50
CA GLN C 1 30.27 -10.75 -21.35
C GLN C 1 29.22 -11.02 -20.28
N GLU C 2 28.21 -10.17 -20.27
CA GLU C 2 27.15 -10.34 -19.31
C GLU C 2 26.44 -11.52 -19.93
N GLU C 3 25.97 -11.25 -21.15
CA GLU C 3 25.24 -12.20 -21.98
C GLU C 3 25.88 -13.56 -21.89
N SER C 4 27.19 -13.54 -22.07
CA SER C 4 28.01 -14.72 -21.98
C SER C 4 27.79 -15.43 -20.63
N ILE C 5 27.85 -14.70 -19.52
CA ILE C 5 27.64 -15.32 -18.22
C ILE C 5 26.14 -15.67 -18.08
N LEU C 6 25.26 -14.79 -18.52
CA LEU C 6 23.84 -15.06 -18.45
C LEU C 6 23.43 -16.35 -19.18
N GLN C 7 24.00 -16.55 -20.36
CA GLN C 7 23.60 -17.70 -21.13
C GLN C 7 24.21 -19.00 -20.69
N ASP C 8 25.48 -18.95 -20.31
CA ASP C 8 26.17 -20.15 -19.91
C ASP C 8 25.47 -20.66 -18.67
N ILE C 9 25.01 -19.73 -17.85
CA ILE C 9 24.30 -20.12 -16.65
C ILE C 9 22.96 -20.72 -17.07
N ILE C 10 22.32 -20.03 -18.00
CA ILE C 10 21.01 -20.42 -18.52
C ILE C 10 20.96 -21.79 -19.25
N THR C 11 22.04 -22.16 -19.94
CA THR C 11 22.05 -23.45 -20.59
C THR C 11 22.44 -24.61 -19.63
N ARG C 12 23.30 -24.33 -18.63
CA ARG C 12 23.71 -25.33 -17.65
C ARG C 12 22.63 -25.65 -16.64
N PHE C 13 21.92 -24.62 -16.14
CA PHE C 13 20.88 -24.89 -15.13
C PHE C 13 19.43 -24.69 -15.53
N PRO C 14 18.86 -25.76 -16.07
CA PRO C 14 17.50 -25.72 -16.60
C PRO C 14 16.55 -25.21 -15.54
N ASN C 15 16.99 -25.30 -14.30
CA ASN C 15 16.12 -24.88 -13.24
C ASN C 15 16.21 -23.48 -12.77
N VAL C 16 17.01 -22.67 -13.43
CA VAL C 16 17.00 -21.33 -12.99
C VAL C 16 16.16 -20.50 -13.94
N VAL C 17 15.37 -19.58 -13.38
CA VAL C 17 14.70 -18.66 -14.24
C VAL C 17 15.21 -17.26 -13.93
N LEU C 18 15.67 -16.61 -14.98
CA LEU C 18 16.19 -15.28 -14.93
C LEU C 18 15.03 -14.32 -15.32
N MET C 19 14.87 -13.17 -14.68
CA MET C 19 13.83 -12.24 -15.07
C MET C 19 14.25 -11.60 -16.41
N LYS C 20 13.27 -11.24 -17.24
CA LYS C 20 13.65 -10.63 -18.51
C LYS C 20 14.31 -9.30 -18.14
N GLN C 21 15.48 -9.07 -18.76
CA GLN C 21 16.29 -7.88 -18.51
C GLN C 21 15.71 -6.65 -19.21
N THR C 22 14.83 -5.92 -18.55
CA THR C 22 14.22 -4.81 -19.23
C THR C 22 14.94 -3.62 -18.84
N ALA C 23 14.77 -2.57 -19.63
CA ALA C 23 15.47 -1.32 -19.36
C ALA C 23 15.05 -0.81 -17.97
N GLN C 24 13.80 -1.08 -17.64
CA GLN C 24 13.29 -0.60 -16.37
C GLN C 24 13.88 -1.48 -15.27
N LEU C 25 13.97 -2.77 -15.54
CA LEU C 25 14.54 -3.62 -14.53
C LEU C 25 16.00 -3.17 -14.25
N ARG C 26 16.74 -2.91 -15.32
CA ARG C 26 18.12 -2.46 -15.19
C ARG C 26 18.21 -1.09 -14.54
N ALA C 27 17.17 -0.28 -14.71
CA ALA C 27 17.12 1.07 -14.13
C ALA C 27 16.89 0.90 -12.62
N MET C 28 16.16 -0.13 -12.25
CA MET C 28 15.96 -0.29 -10.82
C MET C 28 17.30 -0.72 -10.19
N MET C 29 17.96 -1.71 -10.78
CA MET C 29 19.21 -2.27 -10.28
C MET C 29 20.26 -1.24 -10.26
N THR C 30 20.23 -0.33 -11.22
CA THR C 30 21.23 0.72 -11.23
C THR C 30 21.04 1.51 -9.98
N ILE C 31 19.84 2.00 -9.76
CA ILE C 31 19.63 2.79 -8.56
C ILE C 31 19.99 2.04 -7.28
N ILE C 32 19.72 0.76 -7.21
CA ILE C 32 20.00 0.18 -5.95
C ILE C 32 21.39 -0.30 -5.87
N ARG C 33 22.06 -0.48 -7.02
CA ARG C 33 23.44 -0.94 -6.89
C ARG C 33 24.32 0.24 -6.47
N ASP C 34 23.96 1.44 -6.86
CA ASP C 34 24.73 2.63 -6.56
C ASP C 34 24.92 2.99 -5.05
N LYS C 35 26.18 3.17 -4.58
CA LYS C 35 26.46 3.52 -3.15
C LYS C 35 25.90 4.82 -2.63
N GLU C 36 25.62 5.74 -3.53
CA GLU C 36 25.13 7.06 -3.24
C GLU C 36 23.66 7.16 -2.99
N THR C 37 22.92 6.09 -3.21
CA THR C 37 21.50 6.22 -3.00
C THR C 37 20.99 6.19 -1.61
N PRO C 38 20.17 7.15 -1.24
CA PRO C 38 19.65 7.22 0.12
C PRO C 38 18.78 6.04 0.52
N LYS C 39 18.74 5.79 1.82
CA LYS C 39 17.93 4.74 2.42
C LYS C 39 16.46 4.78 1.92
N GLU C 40 15.82 5.93 2.02
CA GLU C 40 14.43 6.02 1.58
C GLU C 40 14.27 5.57 0.11
N GLU C 41 15.21 6.00 -0.72
CA GLU C 41 15.18 5.58 -2.11
C GLU C 41 15.51 4.10 -2.30
N PHE C 42 16.54 3.63 -1.62
CA PHE C 42 16.95 2.26 -1.79
C PHE C 42 15.80 1.37 -1.42
N VAL C 43 15.11 1.75 -0.35
CA VAL C 43 14.03 0.86 0.14
C VAL C 43 12.87 0.79 -0.85
N PHE C 44 12.53 1.96 -1.40
CA PHE C 44 11.47 2.10 -2.40
C PHE C 44 11.66 1.15 -3.59
N TYR C 45 12.80 1.33 -4.23
CA TYR C 45 13.11 0.54 -5.41
C TYR C 45 13.37 -0.91 -5.06
N ALA C 46 13.88 -1.21 -3.88
CA ALA C 46 14.09 -2.61 -3.61
C ALA C 46 12.68 -3.22 -3.53
N ASP C 47 11.76 -2.48 -2.90
CA ASP C 47 10.42 -3.01 -2.78
C ASP C 47 9.82 -3.10 -4.13
N ARG C 48 10.21 -2.18 -4.98
CA ARG C 48 9.58 -2.24 -6.29
C ARG C 48 9.93 -3.47 -7.09
N LEU C 49 11.22 -3.72 -7.13
CA LEU C 49 11.78 -4.85 -7.86
C LEU C 49 11.29 -6.11 -7.25
N ILE C 50 11.23 -6.17 -5.92
CA ILE C 50 10.87 -7.46 -5.25
C ILE C 50 9.50 -7.96 -5.73
N ARG C 51 8.61 -7.01 -5.85
CA ARG C 51 7.27 -7.31 -6.30
C ARG C 51 7.28 -7.88 -7.70
N LEU C 52 8.14 -7.37 -8.56
CA LEU C 52 8.12 -7.89 -9.89
C LEU C 52 8.65 -9.31 -9.84
N LEU C 53 9.72 -9.44 -9.08
CA LEU C 53 10.38 -10.71 -8.88
C LEU C 53 9.43 -11.88 -8.31
N ILE C 54 8.66 -11.61 -7.25
CA ILE C 54 7.73 -12.65 -6.75
C ILE C 54 6.69 -13.04 -7.89
N GLU C 55 6.19 -11.98 -8.55
CA GLU C 55 5.17 -12.12 -9.58
C GLU C 55 5.75 -13.16 -10.53
N GLU C 56 7.05 -13.02 -10.78
CA GLU C 56 7.73 -14.00 -11.66
C GLU C 56 7.84 -15.39 -11.12
N ALA C 57 8.33 -15.45 -9.89
CA ALA C 57 8.54 -16.72 -9.24
C ALA C 57 7.23 -17.42 -9.16
N LEU C 58 6.13 -16.71 -8.90
CA LEU C 58 4.84 -17.39 -8.76
C LEU C 58 4.33 -18.19 -9.97
N ASN C 59 4.95 -17.95 -11.11
CA ASN C 59 4.48 -18.69 -12.25
C ASN C 59 5.13 -20.05 -12.25
N GLU C 60 5.89 -20.40 -11.21
CA GLU C 60 6.48 -21.74 -11.20
C GLU C 60 5.56 -22.69 -10.47
N LEU C 61 4.47 -22.18 -9.87
CA LEU C 61 3.45 -22.99 -9.14
C LEU C 61 2.63 -23.80 -10.14
N PRO C 62 1.96 -24.86 -9.73
CA PRO C 62 1.18 -25.61 -10.74
C PRO C 62 -0.26 -25.07 -10.82
N PHE C 63 -0.93 -25.21 -11.97
CA PHE C 63 -2.31 -24.70 -12.05
C PHE C 63 -3.22 -25.59 -12.94
N GLN C 64 -4.52 -25.56 -12.66
CA GLN C 64 -5.50 -26.38 -13.35
C GLN C 64 -6.17 -25.43 -14.32
N LYS C 65 -6.80 -25.97 -15.36
CA LYS C 65 -7.53 -25.13 -16.28
C LYS C 65 -8.82 -24.95 -15.51
N LYS C 66 -9.49 -23.83 -15.75
CA LYS C 66 -10.78 -23.53 -15.14
C LYS C 66 -11.56 -22.75 -16.20
N GLU C 67 -12.82 -23.07 -16.31
CA GLU C 67 -13.63 -22.41 -17.31
C GLU C 67 -14.71 -21.66 -16.61
N VAL C 68 -14.86 -20.41 -16.99
CA VAL C 68 -15.88 -19.61 -16.37
C VAL C 68 -16.62 -18.92 -17.46
N THR C 69 -17.63 -18.24 -16.99
CA THR C 69 -18.40 -17.50 -17.91
C THR C 69 -18.49 -16.11 -17.39
N THR C 70 -18.15 -15.28 -18.38
CA THR C 70 -18.17 -13.84 -18.52
C THR C 70 -19.56 -13.27 -18.28
N PRO C 71 -19.60 -12.00 -17.87
CA PRO C 71 -20.85 -11.31 -17.59
C PRO C 71 -21.73 -11.29 -18.81
N LEU C 72 -21.10 -11.42 -19.97
CA LEU C 72 -21.75 -11.46 -21.26
C LEU C 72 -22.37 -12.84 -21.42
N ASP C 73 -22.15 -13.73 -20.47
CA ASP C 73 -22.72 -15.05 -20.60
C ASP C 73 -22.14 -15.89 -21.74
N VAL C 74 -20.84 -15.78 -21.95
CA VAL C 74 -20.13 -16.55 -22.94
C VAL C 74 -19.06 -17.11 -21.99
N SER C 75 -18.47 -18.23 -22.36
CA SER C 75 -17.45 -18.83 -21.51
C SER C 75 -15.99 -18.50 -21.79
N TYR C 76 -15.23 -18.49 -20.71
CA TYR C 76 -13.85 -18.17 -20.92
C TYR C 76 -13.01 -19.29 -20.32
N HIS C 77 -11.87 -19.59 -20.96
CA HIS C 77 -11.02 -20.69 -20.49
C HIS C 77 -9.82 -20.27 -19.72
N GLY C 78 -9.98 -20.34 -18.41
CA GLY C 78 -8.98 -19.90 -17.46
C GLY C 78 -7.98 -20.95 -17.04
N VAL C 79 -7.22 -20.62 -16.00
CA VAL C 79 -6.21 -21.56 -15.56
C VAL C 79 -5.83 -21.45 -14.13
N SER C 80 -6.73 -21.87 -13.25
CA SER C 80 -6.47 -21.82 -11.83
C SER C 80 -5.29 -22.50 -11.13
N PHE C 81 -4.71 -21.71 -10.23
CA PHE C 81 -3.63 -22.16 -9.35
C PHE C 81 -4.37 -22.75 -8.14
N TYR C 82 -3.87 -23.80 -7.48
CA TYR C 82 -4.65 -24.35 -6.34
C TYR C 82 -3.80 -24.98 -5.22
N SER C 83 -2.48 -24.94 -5.35
CA SER C 83 -1.62 -25.58 -4.38
C SER C 83 -1.41 -24.76 -3.10
N LYS C 84 -1.11 -25.44 -2.01
CA LYS C 84 -0.79 -24.78 -0.74
C LYS C 84 0.65 -24.28 -0.82
N ILE C 85 0.91 -23.10 -0.30
CA ILE C 85 2.28 -22.54 -0.42
C ILE C 85 2.52 -21.78 0.84
N CYS C 86 3.69 -21.22 0.97
CA CYS C 86 3.97 -20.43 2.14
C CYS C 86 5.30 -19.87 1.76
N GLY C 87 5.70 -18.80 2.43
CA GLY C 87 6.98 -18.20 2.12
C GLY C 87 7.83 -18.57 3.32
N VAL C 88 9.13 -18.64 3.13
CA VAL C 88 9.97 -18.92 4.23
C VAL C 88 11.09 -18.02 3.97
N SER C 89 11.33 -17.25 5.00
CA SER C 89 12.36 -16.23 4.92
C SER C 89 13.60 -16.55 5.70
N ILE C 90 14.71 -16.11 5.14
CA ILE C 90 15.97 -16.26 5.82
C ILE C 90 16.30 -14.94 6.53
N VAL C 91 16.23 -14.99 7.84
CA VAL C 91 16.48 -13.77 8.63
C VAL C 91 17.92 -13.29 8.46
N ARG C 92 18.25 -12.03 8.28
CA ARG C 92 17.37 -10.87 8.19
C ARG C 92 17.02 -10.42 6.82
N ALA C 93 18.00 -10.41 5.94
CA ALA C 93 17.77 -9.99 4.57
C ALA C 93 16.53 -10.51 3.86
N GLY C 94 16.19 -11.77 4.10
CA GLY C 94 15.06 -12.39 3.41
C GLY C 94 13.72 -11.80 3.80
N GLU C 95 13.67 -11.36 5.06
CA GLU C 95 12.46 -10.79 5.61
C GLU C 95 12.01 -9.59 4.80
N SER C 96 12.92 -8.89 4.12
CA SER C 96 12.53 -7.71 3.34
C SER C 96 11.59 -8.11 2.19
N MET C 97 11.50 -9.40 1.89
CA MET C 97 10.69 -9.92 0.80
C MET C 97 9.31 -10.36 1.18
N GLU C 98 9.12 -10.70 2.45
CA GLU C 98 7.79 -11.15 2.81
C GLU C 98 6.67 -10.14 2.45
N SER C 99 6.95 -8.84 2.64
CA SER C 99 5.98 -7.80 2.39
C SER C 99 5.54 -7.95 0.96
N GLY C 100 6.47 -8.26 0.06
CA GLY C 100 6.07 -8.43 -1.34
C GLY C 100 5.19 -9.66 -1.52
N LEU C 101 5.54 -10.71 -0.79
CA LEU C 101 4.75 -11.92 -0.94
C LEU C 101 3.38 -11.64 -0.35
N ARG C 102 3.34 -10.79 0.63
CA ARG C 102 2.05 -10.55 1.22
C ARG C 102 1.21 -9.55 0.49
N ALA C 103 1.89 -8.71 -0.27
CA ALA C 103 1.21 -7.72 -1.09
C ALA C 103 0.38 -8.49 -2.06
N VAL C 104 0.98 -9.56 -2.59
CA VAL C 104 0.27 -10.31 -3.59
C VAL C 104 -0.44 -11.56 -3.18
N CYS C 105 -0.10 -12.12 -2.03
CA CYS C 105 -0.78 -13.36 -1.56
C CYS C 105 -1.36 -13.06 -0.18
N ARG C 106 -2.57 -12.56 -0.16
CA ARG C 106 -3.24 -12.16 1.07
C ARG C 106 -3.17 -13.21 2.18
N GLY C 107 -2.59 -12.80 3.30
CA GLY C 107 -2.47 -13.68 4.44
C GLY C 107 -1.66 -14.96 4.16
N VAL C 108 -0.69 -14.89 3.28
CA VAL C 108 0.10 -16.07 3.03
C VAL C 108 0.84 -16.44 4.32
N ARG C 109 0.94 -17.74 4.60
CA ARG C 109 1.66 -18.20 5.80
C ARG C 109 3.15 -17.90 5.72
N ILE C 110 3.74 -17.40 6.80
CA ILE C 110 5.16 -17.06 6.69
C ILE C 110 5.96 -17.84 7.70
N GLY C 111 7.12 -18.35 7.30
CA GLY C 111 7.99 -19.12 8.19
C GLY C 111 9.32 -18.39 8.19
N LYS C 112 9.96 -18.34 9.35
CA LYS C 112 11.26 -17.69 9.48
C LYS C 112 12.38 -18.64 9.89
N ILE C 113 13.56 -18.43 9.33
CA ILE C 113 14.72 -19.28 9.66
C ILE C 113 15.93 -18.41 9.94
N LEU C 114 16.56 -18.61 11.09
CA LEU C 114 17.77 -17.81 11.38
C LEU C 114 18.96 -18.74 11.41
N ILE C 115 19.93 -18.45 10.56
CA ILE C 115 21.12 -19.26 10.38
C ILE C 115 22.37 -18.42 10.54
N GLN C 116 23.31 -18.79 11.42
CA GLN C 116 24.56 -18.00 11.53
C GLN C 116 25.80 -18.83 11.15
N ARG C 117 26.65 -18.26 10.30
CA ARG C 117 27.88 -18.95 9.93
C ARG C 117 28.69 -19.22 11.22
N ASP C 118 29.59 -20.19 11.20
CA ASP C 118 30.35 -20.42 12.41
C ASP C 118 31.72 -19.76 12.36
N GLU C 119 31.94 -18.96 13.39
CA GLU C 119 33.14 -18.15 13.65
C GLU C 119 34.47 -18.78 13.24
N THR C 120 34.96 -19.61 14.16
CA THR C 120 36.19 -20.35 14.02
C THR C 120 36.29 -20.96 12.61
N THR C 121 35.30 -21.80 12.31
CA THR C 121 35.22 -22.48 11.02
C THR C 121 34.45 -21.54 10.13
N ALA C 122 33.31 -22.02 9.68
CA ALA C 122 32.52 -21.19 8.82
C ALA C 122 31.25 -21.91 8.43
N GLU C 123 30.83 -22.90 9.20
CA GLU C 123 29.60 -23.51 8.77
C GLU C 123 28.43 -22.73 9.31
N PRO C 124 27.44 -22.56 8.44
CA PRO C 124 26.23 -21.83 8.74
C PRO C 124 25.49 -22.77 9.65
N LYS C 125 25.02 -22.21 10.75
CA LYS C 125 24.31 -22.98 11.76
C LYS C 125 22.91 -22.42 11.98
N LEU C 126 21.99 -23.35 12.21
CA LEU C 126 20.60 -23.03 12.41
C LEU C 126 20.45 -22.37 13.77
N ILE C 127 20.23 -21.07 13.82
CA ILE C 127 20.08 -20.45 15.12
C ILE C 127 18.66 -20.50 15.64
N TYR C 128 17.68 -20.30 14.79
CA TYR C 128 16.31 -20.28 15.30
C TYR C 128 15.42 -20.52 14.11
N GLU C 129 14.22 -21.03 14.33
CA GLU C 129 13.29 -21.27 13.22
C GLU C 129 11.85 -21.32 13.67
N LYS C 130 10.97 -20.85 12.83
CA LYS C 130 9.56 -20.86 13.18
C LYS C 130 8.78 -20.98 11.87
N LEU C 131 8.27 -22.17 11.63
CA LEU C 131 7.56 -22.58 10.42
C LEU C 131 6.15 -23.10 10.62
N PRO C 132 5.38 -23.13 9.56
CA PRO C 132 4.04 -23.67 9.70
C PRO C 132 4.14 -25.15 10.03
N ALA C 133 3.15 -25.59 10.77
CA ALA C 133 3.05 -26.97 11.18
C ALA C 133 3.06 -28.01 10.08
N ASP C 134 2.21 -27.81 9.08
CA ASP C 134 2.00 -28.69 7.94
C ASP C 134 2.86 -28.29 6.76
N ILE C 135 4.05 -27.78 7.05
CA ILE C 135 4.88 -27.36 5.93
C ILE C 135 5.25 -28.49 4.98
N ARG C 136 5.29 -29.72 5.49
CA ARG C 136 5.69 -30.81 4.61
C ARG C 136 4.75 -30.91 3.40
N GLU C 137 3.55 -30.42 3.59
CA GLU C 137 2.60 -30.52 2.53
C GLU C 137 2.52 -29.27 1.63
N ARG C 138 3.23 -28.20 1.96
CA ARG C 138 3.13 -26.99 1.16
C ARG C 138 4.27 -26.77 0.13
N TRP C 139 4.08 -25.84 -0.81
CA TRP C 139 5.18 -25.55 -1.74
C TRP C 139 5.80 -24.41 -1.01
N VAL C 140 7.10 -24.30 -1.11
CA VAL C 140 7.68 -23.19 -0.38
C VAL C 140 8.43 -22.18 -1.24
N MET C 141 8.19 -20.94 -0.93
CA MET C 141 8.82 -19.86 -1.63
C MET C 141 9.86 -19.52 -0.60
N LEU C 142 11.10 -19.86 -0.90
CA LEU C 142 12.23 -19.59 0.00
C LEU C 142 12.81 -18.26 -0.40
N LEU C 143 12.87 -17.31 0.50
CA LEU C 143 13.42 -15.98 0.14
C LEU C 143 14.78 -15.48 0.70
N ASP C 144 15.65 -15.03 -0.21
CA ASP C 144 16.93 -14.52 0.21
C ASP C 144 17.48 -13.70 -0.90
N PRO C 145 17.58 -12.41 -0.65
CA PRO C 145 17.98 -11.50 -1.70
C PRO C 145 19.29 -11.86 -2.36
N MET C 146 20.26 -12.33 -1.58
CA MET C 146 21.56 -12.64 -2.15
C MET C 146 22.08 -14.01 -2.14
N CYS C 147 22.88 -14.35 -3.15
CA CYS C 147 23.35 -15.71 -3.16
C CYS C 147 24.83 -15.81 -3.48
N ALA C 148 25.69 -15.59 -2.47
CA ALA C 148 27.12 -15.64 -2.76
C ALA C 148 27.72 -17.06 -2.92
N THR C 149 28.08 -17.64 -1.78
CA THR C 149 28.63 -18.98 -1.69
C THR C 149 27.51 -20.00 -1.56
N ALA C 150 26.32 -19.54 -1.17
CA ALA C 150 25.12 -20.41 -1.02
C ALA C 150 25.04 -21.28 0.24
N GLY C 151 26.06 -21.10 1.07
CA GLY C 151 26.10 -21.82 2.33
C GLY C 151 24.78 -21.70 3.11
N SER C 152 24.39 -20.48 3.41
CA SER C 152 23.15 -20.32 4.16
C SER C 152 21.96 -20.92 3.49
N VAL C 153 21.89 -20.70 2.20
CA VAL C 153 20.71 -21.19 1.55
C VAL C 153 20.79 -22.64 1.28
N CYS C 154 21.91 -23.27 1.55
CA CYS C 154 21.89 -24.72 1.35
C CYS C 154 21.47 -25.34 2.72
N LYS C 155 21.72 -24.58 3.78
CA LYS C 155 21.36 -25.00 5.14
C LYS C 155 19.84 -24.91 5.37
N ALA C 156 19.24 -23.78 5.03
CA ALA C 156 17.76 -23.61 5.15
C ALA C 156 17.01 -24.79 4.45
N ILE C 157 17.46 -25.21 3.26
CA ILE C 157 16.90 -26.27 2.46
C ILE C 157 17.04 -27.59 3.20
N GLU C 158 18.26 -27.82 3.68
CA GLU C 158 18.56 -29.01 4.49
C GLU C 158 17.53 -29.12 5.62
N VAL C 159 17.34 -28.04 6.36
CA VAL C 159 16.32 -28.22 7.37
C VAL C 159 14.90 -28.45 6.82
N LEU C 160 14.60 -27.78 5.73
CA LEU C 160 13.29 -27.92 5.11
C LEU C 160 13.07 -29.39 4.75
N LEU C 161 14.06 -29.92 4.07
CA LEU C 161 14.02 -31.29 3.61
C LEU C 161 13.77 -32.27 4.78
N ARG C 162 14.45 -31.98 5.88
CA ARG C 162 14.33 -32.83 7.04
C ARG C 162 12.98 -32.67 7.66
N LEU C 163 12.38 -31.51 7.48
CA LEU C 163 11.06 -31.39 8.06
C LEU C 163 10.09 -32.12 7.13
N GLY C 164 10.58 -32.62 6.01
CA GLY C 164 9.74 -33.38 5.05
C GLY C 164 9.25 -32.63 3.80
N VAL C 165 9.81 -31.46 3.57
CA VAL C 165 9.37 -30.71 2.39
C VAL C 165 9.98 -31.40 1.17
N LYS C 166 9.17 -31.62 0.12
CA LYS C 166 9.74 -32.25 -1.06
C LYS C 166 10.57 -31.19 -1.82
N GLU C 167 11.81 -31.57 -2.14
CA GLU C 167 12.79 -30.75 -2.84
C GLU C 167 12.35 -30.06 -4.14
N GLU C 168 11.55 -30.77 -4.90
CA GLU C 168 11.11 -30.20 -6.15
C GLU C 168 9.94 -29.28 -5.85
N ARG C 169 9.54 -29.14 -4.59
CA ARG C 169 8.45 -28.18 -4.31
C ARG C 169 9.00 -26.92 -3.70
N ILE C 170 10.31 -26.70 -3.80
CA ILE C 170 10.93 -25.51 -3.23
C ILE C 170 11.31 -24.46 -4.29
N ILE C 171 10.78 -23.25 -4.15
CA ILE C 171 11.12 -22.17 -5.07
C ILE C 171 11.97 -21.12 -4.39
N PHE C 172 13.18 -21.06 -4.89
CA PHE C 172 14.16 -20.14 -4.34
C PHE C 172 14.09 -18.81 -5.03
N VAL C 173 13.57 -17.81 -4.31
CA VAL C 173 13.40 -16.42 -4.81
C VAL C 173 14.61 -15.54 -4.42
N ASN C 174 15.34 -15.07 -5.41
CA ASN C 174 16.56 -14.34 -5.13
C ASN C 174 16.77 -13.12 -6.05
N ILE C 175 17.38 -12.08 -5.53
CA ILE C 175 17.54 -10.92 -6.39
C ILE C 175 18.81 -11.08 -7.21
N LEU C 176 19.87 -11.33 -6.46
CA LEU C 176 21.20 -11.41 -7.00
C LEU C 176 21.97 -12.66 -6.63
N ALA C 177 22.53 -13.30 -7.67
CA ALA C 177 23.38 -14.45 -7.45
C ALA C 177 24.82 -14.39 -8.05
N ALA C 178 25.66 -15.28 -7.55
CA ALA C 178 27.01 -15.45 -8.03
C ALA C 178 26.94 -16.84 -8.58
N PRO C 179 27.55 -17.02 -9.73
CA PRO C 179 27.51 -18.31 -10.43
C PRO C 179 27.80 -19.48 -9.47
N GLN C 180 28.84 -19.24 -8.71
CA GLN C 180 29.39 -20.12 -7.72
C GLN C 180 28.30 -20.61 -6.82
N GLY C 181 27.50 -19.70 -6.31
CA GLY C 181 26.43 -20.16 -5.46
C GLY C 181 25.43 -20.95 -6.31
N ILE C 182 25.07 -20.41 -7.46
CA ILE C 182 24.08 -21.09 -8.33
C ILE C 182 24.57 -22.51 -8.53
N GLU C 183 25.88 -22.63 -8.75
CA GLU C 183 26.48 -23.98 -8.91
C GLU C 183 26.29 -24.94 -7.68
N ARG C 184 26.62 -24.48 -6.46
CA ARG C 184 26.44 -25.34 -5.27
C ARG C 184 24.99 -25.64 -5.04
N VAL C 185 24.10 -24.65 -5.18
CA VAL C 185 22.66 -24.96 -4.99
C VAL C 185 22.21 -26.19 -5.78
N PHE C 186 22.45 -26.19 -7.08
CA PHE C 186 22.01 -27.31 -7.94
C PHE C 186 22.83 -28.58 -7.86
N LYS C 187 24.12 -28.47 -7.54
CA LYS C 187 24.90 -29.69 -7.39
C LYS C 187 24.27 -30.39 -6.18
N GLU C 188 23.96 -29.64 -5.14
CA GLU C 188 23.39 -30.24 -3.95
C GLU C 188 21.97 -30.58 -4.10
N TYR C 189 21.22 -29.73 -4.76
CA TYR C 189 19.78 -30.01 -4.81
C TYR C 189 19.13 -29.81 -6.10
N PRO C 190 19.73 -30.42 -7.09
CA PRO C 190 19.27 -30.38 -8.47
C PRO C 190 17.77 -30.20 -8.76
N LYS C 191 16.91 -30.80 -7.95
CA LYS C 191 15.45 -30.73 -8.17
C LYS C 191 14.72 -29.43 -7.81
N VAL C 192 15.40 -28.47 -7.18
CA VAL C 192 14.71 -27.26 -6.81
C VAL C 192 14.74 -26.17 -7.90
N ARG C 193 13.80 -25.24 -7.87
CA ARG C 193 13.77 -24.14 -8.86
C ARG C 193 14.23 -22.86 -8.17
N MET C 194 14.93 -22.03 -8.95
CA MET C 194 15.48 -20.74 -8.48
C MET C 194 15.07 -19.65 -9.46
N VAL C 195 14.56 -18.56 -8.93
CA VAL C 195 14.16 -17.46 -9.78
C VAL C 195 15.06 -16.28 -9.37
N THR C 196 15.72 -15.63 -10.31
CA THR C 196 16.64 -14.53 -9.94
C THR C 196 16.59 -13.33 -10.87
N ALA C 197 17.09 -12.20 -10.40
CA ALA C 197 17.03 -11.05 -11.26
C ALA C 197 18.32 -10.69 -11.91
N ALA C 198 19.43 -11.09 -11.32
CA ALA C 198 20.75 -10.71 -11.89
C ALA C 198 21.83 -11.67 -11.43
N VAL C 199 22.84 -11.83 -12.29
CA VAL C 199 23.97 -12.73 -11.93
C VAL C 199 25.19 -11.87 -12.11
N ASP C 200 26.06 -11.80 -11.11
CA ASP C 200 27.24 -10.98 -11.21
C ASP C 200 28.38 -11.89 -11.45
N ILE C 201 29.44 -11.32 -12.00
CA ILE C 201 30.58 -12.15 -12.33
C ILE C 201 31.33 -12.74 -11.16
N CYS C 202 31.79 -11.91 -10.23
CA CYS C 202 32.56 -12.51 -9.13
C CYS C 202 32.25 -12.19 -7.68
N LEU C 203 32.90 -12.99 -6.81
CA LEU C 203 32.82 -12.97 -5.34
C LEU C 203 34.17 -12.52 -4.72
N ASN C 204 34.19 -11.72 -3.65
CA ASN C 204 35.49 -11.34 -3.08
C ASN C 204 35.82 -12.08 -1.80
N SER C 205 37.07 -11.94 -1.32
CA SER C 205 37.56 -12.63 -0.12
C SER C 205 36.67 -12.50 1.08
N ARG C 206 35.94 -11.39 1.13
CA ARG C 206 35.01 -11.22 2.23
C ARG C 206 33.63 -11.82 1.88
N TYR C 207 33.61 -12.54 0.77
CA TYR C 207 32.42 -13.20 0.35
C TYR C 207 31.32 -12.28 -0.16
N TYR C 208 31.70 -11.09 -0.59
CA TYR C 208 30.76 -10.15 -1.18
C TYR C 208 30.73 -10.33 -2.68
N ILE C 209 29.56 -10.09 -3.25
CA ILE C 209 29.35 -10.20 -4.71
C ILE C 209 29.74 -8.90 -5.40
N VAL C 210 30.44 -9.02 -6.52
CA VAL C 210 30.87 -7.83 -7.25
C VAL C 210 30.48 -7.93 -8.70
N PRO C 211 30.16 -6.80 -9.29
CA PRO C 211 30.14 -5.52 -8.61
C PRO C 211 29.08 -5.48 -7.53
N GLY C 212 28.12 -6.40 -7.59
CA GLY C 212 27.09 -6.52 -6.53
C GLY C 212 26.43 -5.28 -5.95
N ILE C 213 25.89 -5.44 -4.74
CA ILE C 213 25.20 -4.32 -4.08
C ILE C 213 25.64 -3.91 -2.67
N GLY C 214 26.58 -4.64 -2.08
CA GLY C 214 27.00 -4.35 -0.71
C GLY C 214 26.22 -5.22 0.25
N ASP C 215 26.12 -4.82 1.50
CA ASP C 215 25.35 -5.71 2.37
C ASP C 215 23.89 -5.32 2.26
N PHE C 216 23.13 -6.14 1.55
CA PHE C 216 21.75 -5.91 1.30
C PHE C 216 20.94 -5.62 2.56
N GLY C 217 21.06 -6.53 3.51
CA GLY C 217 20.33 -6.45 4.78
C GLY C 217 20.50 -5.14 5.49
N ASP C 218 21.74 -4.68 5.63
CA ASP C 218 21.80 -3.42 6.30
C ASP C 218 21.42 -2.17 5.60
N ARG C 219 21.59 -2.18 4.28
CA ARG C 219 21.22 -1.02 3.49
C ARG C 219 19.69 -1.05 3.54
N TYR C 220 19.02 -2.18 3.40
CA TYR C 220 17.55 -2.14 3.47
C TYR C 220 16.93 -1.77 4.86
N PHE C 221 17.57 -2.27 5.92
CA PHE C 221 17.08 -2.01 7.28
C PHE C 221 17.75 -0.80 7.89
N GLY C 222 18.78 -0.34 7.18
CA GLY C 222 19.54 0.82 7.56
C GLY C 222 20.31 0.69 8.86
N THR C 223 20.92 -0.48 9.08
CA THR C 223 21.75 -0.78 10.27
C THR C 223 23.20 -0.71 9.78
N MET C 224 23.41 0.08 8.75
CA MET C 224 24.73 0.23 8.14
C MET C 224 25.46 1.45 8.68
N GLN D 1 -7.74 33.65 19.20
CA GLN D 1 -8.22 33.51 17.81
C GLN D 1 -8.86 32.18 17.46
N GLU D 2 -8.04 31.31 16.85
CA GLU D 2 -8.51 30.00 16.48
C GLU D 2 -9.31 29.29 17.60
N GLU D 3 -8.88 29.43 18.86
CA GLU D 3 -9.65 28.73 19.85
C GLU D 3 -11.05 29.27 19.95
N SER D 4 -11.21 30.57 19.81
CA SER D 4 -12.54 31.11 19.93
C SER D 4 -13.41 30.52 18.84
N ILE D 5 -13.02 30.86 17.62
CA ILE D 5 -13.66 30.41 16.39
C ILE D 5 -14.01 28.97 16.59
N LEU D 6 -13.00 28.20 16.93
CA LEU D 6 -13.23 26.80 17.15
C LEU D 6 -14.36 26.58 18.16
N GLN D 7 -14.31 27.28 19.27
CA GLN D 7 -15.36 27.09 20.26
C GLN D 7 -16.81 27.34 19.78
N ASP D 8 -17.01 28.53 19.22
CA ASP D 8 -18.31 28.94 18.72
C ASP D 8 -18.87 27.95 17.70
N ILE D 9 -18.01 27.59 16.75
CA ILE D 9 -18.38 26.67 15.69
C ILE D 9 -18.80 25.38 16.36
N ILE D 10 -18.02 24.98 17.35
CA ILE D 10 -18.29 23.76 18.08
C ILE D 10 -19.57 23.91 18.85
N THR D 11 -19.82 25.11 19.31
CA THR D 11 -21.01 25.37 20.09
C THR D 11 -22.31 25.52 19.28
N ARG D 12 -22.24 26.21 18.15
CA ARG D 12 -23.50 26.34 17.44
C ARG D 12 -23.76 25.26 16.47
N PHE D 13 -22.81 24.35 16.31
CA PHE D 13 -22.91 23.29 15.33
C PHE D 13 -22.42 21.98 15.81
N PRO D 14 -23.33 21.30 16.46
CA PRO D 14 -23.14 20.01 17.11
C PRO D 14 -22.95 18.78 16.22
N ASN D 15 -23.05 18.97 14.92
CA ASN D 15 -22.86 17.85 14.04
C ASN D 15 -21.51 17.99 13.36
N VAL D 16 -20.74 18.93 13.87
CA VAL D 16 -19.40 19.10 13.38
C VAL D 16 -18.54 18.21 14.30
N VAL D 17 -17.45 17.70 13.76
CA VAL D 17 -16.60 16.80 14.47
C VAL D 17 -15.27 17.11 13.95
N LEU D 18 -14.59 17.93 14.73
CA LEU D 18 -13.29 18.43 14.42
C LEU D 18 -12.31 17.40 14.86
N MET D 19 -11.30 17.06 14.05
CA MET D 19 -10.38 16.09 14.59
C MET D 19 -9.47 16.58 15.68
N LYS D 20 -8.96 15.62 16.43
CA LYS D 20 -8.03 15.79 17.55
C LYS D 20 -6.86 16.55 17.00
N GLN D 21 -6.62 17.71 17.56
CA GLN D 21 -5.55 18.50 17.01
C GLN D 21 -4.21 18.10 17.62
N THR D 22 -3.79 16.88 17.34
CA THR D 22 -2.50 16.39 17.87
C THR D 22 -1.36 17.12 17.22
N ALA D 23 -0.17 16.94 17.77
CA ALA D 23 1.06 17.57 17.21
C ALA D 23 1.44 16.95 15.86
N GLN D 24 1.12 15.66 15.66
CA GLN D 24 1.44 15.05 14.39
C GLN D 24 0.48 15.67 13.34
N LEU D 25 -0.79 15.79 13.75
CA LEU D 25 -1.77 16.35 12.82
C LEU D 25 -1.31 17.74 12.26
N ARG D 26 -1.04 18.60 13.22
CA ARG D 26 -0.57 19.92 12.92
C ARG D 26 0.61 19.86 11.95
N ALA D 27 1.61 19.05 12.31
CA ALA D 27 2.81 18.86 11.50
C ALA D 27 2.54 18.51 10.03
N MET D 28 1.57 17.62 9.81
CA MET D 28 1.16 17.18 8.48
C MET D 28 0.59 18.43 7.79
N MET D 29 -0.35 19.05 8.52
CA MET D 29 -1.01 20.25 8.07
C MET D 29 0.11 21.19 7.75
N THR D 30 1.12 21.25 8.62
CA THR D 30 2.24 22.12 8.28
C THR D 30 2.95 21.96 6.97
N ILE D 31 3.21 20.73 6.62
CA ILE D 31 3.89 20.43 5.38
C ILE D 31 2.93 20.60 4.23
N ILE D 32 1.69 20.19 4.42
CA ILE D 32 0.76 20.33 3.30
C ILE D 32 0.46 21.77 2.86
N ARG D 33 0.35 22.70 3.81
CA ARG D 33 0.10 24.11 3.51
C ARG D 33 1.31 24.87 2.91
N ASP D 34 2.53 24.40 3.25
CA ASP D 34 3.71 25.10 2.78
C ASP D 34 3.70 25.27 1.30
N LYS D 35 4.01 26.48 0.84
CA LYS D 35 4.00 26.67 -0.60
C LYS D 35 5.15 25.96 -1.26
N GLU D 36 6.24 25.80 -0.54
CA GLU D 36 7.43 25.17 -1.08
C GLU D 36 7.42 23.63 -1.17
N THR D 37 6.54 22.95 -0.43
CA THR D 37 6.49 21.48 -0.47
C THR D 37 6.45 20.86 -1.90
N PRO D 38 7.41 19.98 -2.28
CA PRO D 38 7.38 19.29 -3.56
C PRO D 38 6.17 18.30 -3.66
N LYS D 39 5.62 18.23 -4.86
CA LYS D 39 4.50 17.39 -5.17
C LYS D 39 4.44 15.97 -4.58
N GLU D 40 5.59 15.33 -4.50
CA GLU D 40 5.74 13.96 -3.98
C GLU D 40 5.48 13.93 -2.47
N GLU D 41 6.01 14.92 -1.79
CA GLU D 41 5.83 15.09 -0.38
C GLU D 41 4.39 15.51 -0.06
N PHE D 42 3.85 16.41 -0.89
CA PHE D 42 2.49 16.91 -0.67
C PHE D 42 1.53 15.68 -0.70
N VAL D 43 1.64 14.90 -1.77
CA VAL D 43 0.81 13.74 -1.92
C VAL D 43 0.92 12.75 -0.77
N PHE D 44 2.16 12.50 -0.39
CA PHE D 44 2.42 11.51 0.64
C PHE D 44 1.80 11.85 1.96
N TYR D 45 1.96 13.10 2.34
CA TYR D 45 1.39 13.59 3.59
C TYR D 45 -0.14 13.79 3.51
N ALA D 46 -0.66 14.06 2.31
CA ALA D 46 -2.12 14.25 2.20
C ALA D 46 -2.76 12.91 2.45
N ASP D 47 -2.17 11.90 1.84
CA ASP D 47 -2.76 10.58 1.98
C ASP D 47 -2.73 10.17 3.44
N ARG D 48 -1.62 10.49 4.09
CA ARG D 48 -1.46 10.10 5.50
C ARG D 48 -2.59 10.70 6.30
N LEU D 49 -2.70 12.03 6.18
CA LEU D 49 -3.68 12.83 6.85
C LEU D 49 -5.04 12.28 6.49
N ILE D 50 -5.17 11.98 5.22
CA ILE D 50 -6.45 11.43 4.77
C ILE D 50 -6.87 10.13 5.44
N ARG D 51 -5.93 9.21 5.52
CA ARG D 51 -6.25 7.98 6.22
C ARG D 51 -6.78 8.23 7.63
N LEU D 52 -6.12 9.10 8.37
CA LEU D 52 -6.57 9.32 9.73
C LEU D 52 -7.98 9.88 9.80
N LEU D 53 -8.29 10.76 8.84
CA LEU D 53 -9.59 11.45 8.76
C LEU D 53 -10.69 10.47 8.45
N ILE D 54 -10.43 9.53 7.54
CA ILE D 54 -11.45 8.54 7.19
C ILE D 54 -11.70 7.75 8.45
N GLU D 55 -10.59 7.35 9.12
CA GLU D 55 -10.76 6.56 10.34
C GLU D 55 -11.61 7.36 11.29
N GLU D 56 -11.38 8.68 11.41
CA GLU D 56 -12.20 9.45 12.35
C GLU D 56 -13.64 9.33 11.95
N ALA D 57 -13.88 9.70 10.70
CA ALA D 57 -15.20 9.64 10.17
C ALA D 57 -15.96 8.31 10.34
N LEU D 58 -15.31 7.14 10.14
CA LEU D 58 -16.12 5.93 10.24
C LEU D 58 -16.78 5.72 11.55
N ASN D 59 -16.33 6.46 12.56
CA ASN D 59 -16.92 6.33 13.88
C ASN D 59 -18.36 6.86 13.92
N GLU D 60 -18.77 7.55 12.86
CA GLU D 60 -20.14 8.11 12.80
C GLU D 60 -21.22 7.09 12.38
N LEU D 61 -20.86 5.92 11.94
CA LEU D 61 -21.89 5.01 11.52
C LEU D 61 -22.43 4.28 12.72
N PRO D 62 -23.62 3.72 12.57
CA PRO D 62 -24.24 2.96 13.66
C PRO D 62 -23.53 1.60 13.79
N PHE D 63 -23.40 1.10 15.00
CA PHE D 63 -22.74 -0.19 15.15
C PHE D 63 -23.59 -1.02 16.08
N GLN D 64 -23.57 -2.33 15.86
CA GLN D 64 -24.38 -3.25 16.66
C GLN D 64 -24.10 -3.34 18.14
N LYS D 65 -23.24 -4.32 18.43
CA LYS D 65 -22.64 -4.86 19.69
C LYS D 65 -22.48 -6.34 19.37
N LYS D 66 -21.37 -6.93 19.80
CA LYS D 66 -21.09 -8.31 19.46
C LYS D 66 -20.24 -9.01 20.48
N GLU D 67 -20.71 -10.17 20.93
CA GLU D 67 -19.90 -10.87 21.90
C GLU D 67 -19.20 -11.96 21.13
N VAL D 68 -17.91 -12.09 21.37
CA VAL D 68 -17.16 -13.14 20.68
C VAL D 68 -16.34 -13.94 21.66
N THR D 69 -15.97 -15.15 21.29
CA THR D 69 -15.14 -15.87 22.23
C THR D 69 -13.75 -16.00 21.68
N THR D 70 -12.80 -15.76 22.55
CA THR D 70 -11.41 -15.82 22.14
C THR D 70 -10.75 -17.21 22.17
N PRO D 71 -9.54 -17.26 21.66
CA PRO D 71 -8.78 -18.49 21.65
C PRO D 71 -8.62 -18.84 23.11
N LEU D 72 -8.63 -17.86 24.00
CA LEU D 72 -8.54 -18.30 25.39
C LEU D 72 -9.88 -18.96 25.80
N ASP D 73 -10.75 -19.21 24.82
CA ASP D 73 -12.05 -19.82 25.07
C ASP D 73 -12.95 -19.08 26.03
N VAL D 74 -12.80 -17.77 26.07
CA VAL D 74 -13.66 -16.97 26.90
C VAL D 74 -14.29 -15.94 26.01
N SER D 75 -15.31 -15.26 26.49
CA SER D 75 -15.92 -14.32 25.59
C SER D 75 -15.57 -12.85 25.75
N TYR D 76 -15.72 -12.18 24.61
CA TYR D 76 -15.39 -10.80 24.49
C TYR D 76 -16.59 -9.97 24.02
N HIS D 77 -16.82 -8.87 24.73
CA HIS D 77 -17.93 -8.01 24.33
C HIS D 77 -17.47 -6.93 23.47
N GLY D 78 -17.67 -7.18 22.18
CA GLY D 78 -17.27 -6.32 21.09
C GLY D 78 -18.43 -5.57 20.45
N VAL D 79 -18.21 -5.11 19.22
CA VAL D 79 -19.18 -4.34 18.51
C VAL D 79 -18.99 -4.66 17.03
N SER D 80 -20.04 -4.52 16.24
CA SER D 80 -19.90 -4.74 14.82
C SER D 80 -20.63 -3.60 14.09
N PHE D 81 -20.12 -3.24 12.93
CA PHE D 81 -20.74 -2.18 12.18
C PHE D 81 -21.54 -2.91 11.11
N TYR D 82 -22.85 -2.70 11.06
CA TYR D 82 -23.76 -3.45 10.16
C TYR D 82 -24.45 -2.69 9.03
N SER D 83 -24.16 -1.40 8.90
CA SER D 83 -24.80 -0.63 7.83
C SER D 83 -24.12 -0.82 6.48
N LYS D 84 -24.81 -0.32 5.47
CA LYS D 84 -24.40 -0.37 4.08
C LYS D 84 -24.06 1.07 3.72
N ILE D 85 -22.85 1.24 3.19
CA ILE D 85 -22.32 2.53 2.86
C ILE D 85 -21.69 2.63 1.48
N CYS D 86 -21.24 3.81 1.11
CA CYS D 86 -20.56 3.94 -0.15
C CYS D 86 -19.78 5.24 -0.03
N GLY D 87 -18.89 5.49 -0.98
CA GLY D 87 -18.17 6.74 -0.91
C GLY D 87 -18.65 7.53 -2.10
N VAL D 88 -18.85 8.82 -1.92
CA VAL D 88 -19.22 9.67 -3.05
C VAL D 88 -18.19 10.79 -3.05
N SER D 89 -17.43 10.84 -4.11
CA SER D 89 -16.42 11.85 -4.20
C SER D 89 -16.92 12.99 -5.08
N ILE D 90 -16.52 14.20 -4.71
CA ILE D 90 -16.93 15.32 -5.51
C ILE D 90 -15.78 15.51 -6.47
N VAL D 91 -16.04 15.36 -7.76
CA VAL D 91 -14.97 15.38 -8.73
C VAL D 91 -14.41 16.77 -8.82
N ARG D 92 -13.11 16.98 -8.85
CA ARG D 92 -11.98 16.06 -8.88
C ARG D 92 -11.37 15.88 -7.53
N ALA D 93 -11.22 17.01 -6.83
CA ALA D 93 -10.62 17.04 -5.50
C ALA D 93 -11.10 15.91 -4.59
N GLY D 94 -12.40 15.67 -4.52
CA GLY D 94 -12.88 14.58 -3.69
C GLY D 94 -12.23 13.26 -4.13
N GLU D 95 -11.86 13.12 -5.39
CA GLU D 95 -11.28 11.82 -5.76
C GLU D 95 -10.02 11.46 -5.02
N SER D 96 -9.26 12.48 -4.64
CA SER D 96 -8.02 12.25 -3.90
C SER D 96 -8.34 11.44 -2.67
N MET D 97 -9.55 11.52 -2.11
CA MET D 97 -9.80 10.73 -0.88
C MET D 97 -10.26 9.32 -1.07
N GLU D 98 -10.56 8.97 -2.30
CA GLU D 98 -11.15 7.66 -2.49
C GLU D 98 -10.28 6.56 -2.02
N SER D 99 -9.01 6.71 -2.32
CA SER D 99 -8.04 5.67 -2.05
C SER D 99 -8.01 5.43 -0.59
N GLY D 100 -8.10 6.51 0.16
CA GLY D 100 -8.00 6.32 1.57
C GLY D 100 -9.18 5.48 2.08
N LEU D 101 -10.36 5.64 1.47
CA LEU D 101 -11.54 4.93 1.89
C LEU D 101 -11.36 3.53 1.50
N ARG D 102 -10.84 3.40 0.29
CA ARG D 102 -10.63 2.05 -0.13
C ARG D 102 -9.57 1.32 0.67
N ALA D 103 -8.59 2.04 1.21
CA ALA D 103 -7.54 1.39 1.99
C ALA D 103 -8.15 0.80 3.18
N VAL D 104 -9.09 1.51 3.76
CA VAL D 104 -9.65 0.95 4.97
C VAL D 104 -10.84 0.09 4.84
N CYS D 105 -11.65 0.37 3.81
CA CYS D 105 -12.86 -0.40 3.53
C CYS D 105 -12.66 -1.03 2.14
N ARG D 106 -12.21 -2.27 2.12
CA ARG D 106 -11.92 -2.93 0.87
C ARG D 106 -13.17 -3.11 -0.01
N GLY D 107 -13.03 -2.76 -1.30
CA GLY D 107 -14.12 -2.90 -2.24
C GLY D 107 -15.37 -2.02 -2.07
N VAL D 108 -15.33 -1.10 -1.09
CA VAL D 108 -16.45 -0.15 -0.81
C VAL D 108 -16.92 0.44 -2.13
N ARG D 109 -18.21 0.45 -2.43
CA ARG D 109 -18.67 1.05 -3.66
C ARG D 109 -18.35 2.54 -3.73
N ILE D 110 -17.97 3.03 -4.91
CA ILE D 110 -17.64 4.48 -5.05
C ILE D 110 -18.52 5.21 -6.09
N GLY D 111 -19.23 6.26 -5.66
CA GLY D 111 -20.02 7.13 -6.53
C GLY D 111 -19.18 8.40 -6.79
N LYS D 112 -19.40 8.99 -7.96
CA LYS D 112 -18.76 10.25 -8.38
C LYS D 112 -19.81 11.26 -8.88
N ILE D 113 -19.62 12.50 -8.45
CA ILE D 113 -20.46 13.63 -8.84
C ILE D 113 -19.56 14.82 -9.26
N LEU D 114 -19.63 15.21 -10.53
CA LEU D 114 -18.88 16.33 -11.07
C LEU D 114 -19.86 17.54 -11.11
N ILE D 115 -19.60 18.53 -10.24
CA ILE D 115 -20.42 19.73 -10.18
C ILE D 115 -19.44 20.77 -10.67
N GLN D 116 -19.93 21.77 -11.37
CA GLN D 116 -19.02 22.76 -11.86
C GLN D 116 -19.87 23.99 -11.87
N ARG D 117 -19.31 25.11 -11.46
CA ARG D 117 -20.17 26.25 -11.56
C ARG D 117 -19.95 26.96 -12.89
N ASP D 118 -21.04 27.49 -13.42
CA ASP D 118 -21.08 28.20 -14.70
C ASP D 118 -20.14 29.42 -14.83
N GLU D 119 -19.48 29.48 -15.96
CA GLU D 119 -18.52 30.49 -16.34
C GLU D 119 -18.81 31.95 -16.12
N THR D 120 -20.04 32.27 -16.41
CA THR D 120 -20.48 33.65 -16.31
C THR D 120 -21.30 33.76 -15.04
N THR D 121 -22.34 32.93 -14.99
CA THR D 121 -23.27 33.00 -13.88
C THR D 121 -22.75 32.55 -12.54
N ALA D 122 -21.67 31.82 -12.59
CA ALA D 122 -21.14 31.40 -11.31
C ALA D 122 -21.95 30.36 -10.54
N GLU D 123 -22.99 29.81 -11.12
CA GLU D 123 -23.71 28.82 -10.35
C GLU D 123 -23.38 27.37 -10.59
N PRO D 124 -23.53 26.59 -9.53
CA PRO D 124 -23.22 25.20 -9.57
C PRO D 124 -24.27 24.48 -10.30
N LYS D 125 -23.82 23.83 -11.34
CA LYS D 125 -24.69 23.03 -12.14
C LYS D 125 -24.22 21.57 -11.96
N LEU D 126 -25.07 20.59 -12.21
CA LEU D 126 -24.61 19.20 -12.10
C LEU D 126 -24.21 18.81 -13.52
N ILE D 127 -22.98 18.36 -13.73
CA ILE D 127 -22.54 18.01 -15.07
C ILE D 127 -22.35 16.57 -15.41
N TYR D 128 -22.06 15.77 -14.39
CA TYR D 128 -21.82 14.33 -14.53
C TYR D 128 -22.01 13.64 -13.18
N GLU D 129 -22.62 12.46 -13.19
CA GLU D 129 -22.80 11.68 -11.96
C GLU D 129 -22.88 10.20 -12.35
N LYS D 130 -22.41 9.34 -11.46
CA LYS D 130 -22.43 7.90 -11.70
C LYS D 130 -22.42 7.31 -10.32
N LEU D 131 -23.58 6.88 -9.84
CA LEU D 131 -23.70 6.38 -8.49
C LEU D 131 -24.25 4.97 -8.48
N PRO D 132 -24.20 4.37 -7.31
CA PRO D 132 -24.70 3.03 -7.06
C PRO D 132 -26.21 3.11 -7.11
N ALA D 133 -26.79 2.10 -7.74
CA ALA D 133 -28.22 2.04 -7.92
C ALA D 133 -29.00 2.12 -6.65
N ASP D 134 -28.47 1.63 -5.53
CA ASP D 134 -29.28 1.61 -4.30
C ASP D 134 -28.80 2.56 -3.26
N ILE D 135 -28.17 3.61 -3.75
CA ILE D 135 -27.59 4.60 -2.84
C ILE D 135 -28.69 5.10 -1.87
N ARG D 136 -29.93 4.93 -2.31
CA ARG D 136 -31.12 5.30 -1.56
C ARG D 136 -31.01 4.60 -0.25
N GLU D 137 -30.72 3.29 -0.27
CA GLU D 137 -30.60 2.64 0.99
C GLU D 137 -29.28 2.64 1.73
N ARG D 138 -28.39 3.57 1.39
CA ARG D 138 -27.11 3.60 2.09
C ARG D 138 -26.73 4.90 2.82
N TRP D 139 -25.65 4.77 3.60
CA TRP D 139 -24.96 5.81 4.34
C TRP D 139 -23.89 6.23 3.35
N VAL D 140 -23.79 7.52 3.13
CA VAL D 140 -22.86 8.08 2.16
C VAL D 140 -21.73 8.87 2.81
N MET D 141 -20.48 8.58 2.44
CA MET D 141 -19.35 9.36 2.94
C MET D 141 -19.13 10.27 1.72
N LEU D 142 -19.39 11.57 1.86
CA LEU D 142 -19.28 12.50 0.76
C LEU D 142 -17.89 13.06 0.90
N LEU D 143 -17.11 13.00 -0.16
CA LEU D 143 -15.74 13.42 -0.05
C LEU D 143 -15.36 14.65 -0.86
N ASP D 144 -14.97 15.67 -0.14
CA ASP D 144 -14.56 16.88 -0.80
C ASP D 144 -13.65 17.57 0.23
N PRO D 145 -12.35 17.72 -0.07
CA PRO D 145 -11.38 18.29 0.92
C PRO D 145 -11.45 19.72 1.42
N MET D 146 -11.95 20.60 0.59
CA MET D 146 -12.03 21.98 1.00
C MET D 146 -13.50 22.36 1.10
N CYS D 147 -13.80 23.23 2.04
CA CYS D 147 -15.14 23.75 2.19
C CYS D 147 -15.07 25.28 2.41
N ALA D 148 -15.31 26.06 1.37
CA ALA D 148 -15.19 27.51 1.55
C ALA D 148 -16.56 28.15 1.71
N THR D 149 -17.23 28.31 0.56
CA THR D 149 -18.58 28.83 0.46
C THR D 149 -19.66 27.71 0.64
N ALA D 150 -19.26 26.43 0.57
CA ALA D 150 -20.20 25.28 0.69
C ALA D 150 -21.17 25.29 -0.49
N GLY D 151 -20.85 26.15 -1.45
CA GLY D 151 -21.65 26.29 -2.65
C GLY D 151 -21.73 24.94 -3.36
N SER D 152 -20.61 24.27 -3.51
CA SER D 152 -20.76 23.03 -4.25
C SER D 152 -21.12 21.81 -3.45
N VAL D 153 -20.77 21.78 -2.18
CA VAL D 153 -21.14 20.56 -1.54
C VAL D 153 -22.65 20.61 -1.38
N CYS D 154 -23.19 21.81 -1.29
CA CYS D 154 -24.65 21.95 -1.15
C CYS D 154 -25.37 21.37 -2.39
N LYS D 155 -24.85 21.67 -3.58
CA LYS D 155 -25.45 21.09 -4.77
C LYS D 155 -25.24 19.57 -4.70
N ALA D 156 -24.08 19.08 -4.20
CA ALA D 156 -23.96 17.62 -4.19
C ALA D 156 -24.99 17.02 -3.24
N ILE D 157 -25.24 17.67 -2.09
CA ILE D 157 -26.24 17.12 -1.15
C ILE D 157 -27.67 17.11 -1.74
N GLU D 158 -27.95 18.11 -2.55
CA GLU D 158 -29.25 18.23 -3.18
C GLU D 158 -29.58 17.07 -4.15
N VAL D 159 -28.62 16.75 -4.99
CA VAL D 159 -28.88 15.68 -5.91
C VAL D 159 -29.00 14.36 -5.14
N LEU D 160 -28.20 14.20 -4.10
CA LEU D 160 -28.31 12.97 -3.32
C LEU D 160 -29.69 12.95 -2.71
N LEU D 161 -30.20 14.09 -2.22
CA LEU D 161 -31.54 13.98 -1.63
C LEU D 161 -32.62 13.62 -2.69
N ARG D 162 -32.40 14.02 -3.96
CA ARG D 162 -33.33 13.72 -5.06
C ARG D 162 -33.28 12.27 -5.45
N LEU D 163 -32.14 11.62 -5.25
CA LEU D 163 -32.11 10.19 -5.56
C LEU D 163 -32.78 9.47 -4.40
N GLY D 164 -33.10 10.17 -3.32
CA GLY D 164 -33.70 9.50 -2.20
C GLY D 164 -32.78 9.08 -1.03
N VAL D 165 -31.57 9.63 -0.95
CA VAL D 165 -30.72 9.32 0.18
C VAL D 165 -31.28 10.12 1.37
N LYS D 166 -31.25 9.55 2.56
CA LYS D 166 -31.70 10.25 3.78
C LYS D 166 -30.56 11.25 4.17
N GLU D 167 -30.95 12.46 4.57
CA GLU D 167 -30.04 13.52 4.95
C GLU D 167 -29.17 13.15 6.14
N GLU D 168 -29.81 12.48 7.06
CA GLU D 168 -29.10 12.14 8.25
C GLU D 168 -28.26 10.92 7.98
N ARG D 169 -28.30 10.41 6.75
CA ARG D 169 -27.45 9.23 6.50
C ARG D 169 -26.28 9.68 5.68
N ILE D 170 -26.15 10.99 5.45
CA ILE D 170 -24.97 11.55 4.77
C ILE D 170 -23.85 12.06 5.73
N ILE D 171 -22.63 11.54 5.62
CA ILE D 171 -21.50 12.01 6.43
C ILE D 171 -20.51 12.79 5.55
N PHE D 172 -20.41 14.10 5.79
CA PHE D 172 -19.56 14.91 4.94
C PHE D 172 -18.12 14.98 5.45
N VAL D 173 -17.25 14.28 4.73
CA VAL D 173 -15.85 14.24 5.07
C VAL D 173 -14.96 15.30 4.44
N ASN D 174 -14.35 16.10 5.32
CA ASN D 174 -13.58 17.23 4.85
C ASN D 174 -12.24 17.49 5.52
N ILE D 175 -11.30 18.06 4.78
CA ILE D 175 -9.97 18.36 5.34
C ILE D 175 -9.92 19.75 5.95
N LEU D 176 -10.32 20.72 5.15
CA LEU D 176 -10.30 22.11 5.57
C LEU D 176 -11.59 22.88 5.25
N ALA D 177 -12.13 23.56 6.25
CA ALA D 177 -13.38 24.30 6.05
C ALA D 177 -13.28 25.71 6.62
N ALA D 178 -14.14 26.59 6.10
CA ALA D 178 -14.25 27.97 6.55
C ALA D 178 -15.58 28.03 7.30
N PRO D 179 -15.57 28.86 8.34
CA PRO D 179 -16.73 28.98 9.22
C PRO D 179 -18.00 29.27 8.41
N GLN D 180 -17.82 30.11 7.42
CA GLN D 180 -18.96 30.45 6.57
C GLN D 180 -19.48 29.18 5.82
N GLY D 181 -18.58 28.30 5.44
CA GLY D 181 -18.97 27.08 4.74
C GLY D 181 -19.82 26.33 5.72
N ILE D 182 -19.28 26.15 6.91
CA ILE D 182 -20.03 25.47 7.93
C ILE D 182 -21.45 25.97 8.13
N GLU D 183 -21.58 27.28 8.42
CA GLU D 183 -22.89 27.91 8.64
C GLU D 183 -23.82 27.54 7.51
N ARG D 184 -23.37 27.79 6.27
CA ARG D 184 -24.24 27.45 5.12
C ARG D 184 -24.76 26.03 5.11
N VAL D 185 -23.84 25.08 5.16
CA VAL D 185 -24.24 23.68 5.08
C VAL D 185 -25.32 23.35 6.06
N PHE D 186 -25.03 23.74 7.29
CA PHE D 186 -25.99 23.45 8.33
C PHE D 186 -27.29 24.27 8.23
N LYS D 187 -27.24 25.37 7.50
CA LYS D 187 -28.48 26.12 7.33
C LYS D 187 -29.38 25.37 6.34
N GLU D 188 -28.79 24.88 5.25
CA GLU D 188 -29.58 24.12 4.29
C GLU D 188 -29.83 22.65 4.71
N TYR D 189 -28.88 22.01 5.39
CA TYR D 189 -29.06 20.62 5.73
C TYR D 189 -28.58 20.34 7.12
N PRO D 190 -29.35 20.79 8.06
CA PRO D 190 -29.11 20.61 9.48
C PRO D 190 -28.94 19.15 9.89
N LYS D 191 -29.48 18.20 9.14
CA LYS D 191 -29.33 16.80 9.54
C LYS D 191 -28.08 15.98 9.10
N VAL D 192 -27.05 16.65 8.56
CA VAL D 192 -25.87 15.91 8.13
C VAL D 192 -24.81 15.97 9.20
N ARG D 193 -23.81 15.11 9.05
CA ARG D 193 -22.70 15.05 9.98
C ARG D 193 -21.57 15.52 9.10
N MET D 194 -20.62 16.15 9.75
CA MET D 194 -19.43 16.66 9.06
C MET D 194 -18.23 16.36 9.99
N VAL D 195 -17.20 15.76 9.43
CA VAL D 195 -16.00 15.45 10.18
C VAL D 195 -14.95 16.30 9.46
N THR D 196 -14.21 17.16 10.17
CA THR D 196 -13.19 17.96 9.52
C THR D 196 -11.82 17.97 10.28
N ALA D 197 -10.73 18.30 9.56
CA ALA D 197 -9.44 18.32 10.18
C ALA D 197 -8.98 19.68 10.58
N ALA D 198 -9.52 20.71 9.95
CA ALA D 198 -9.09 22.06 10.30
C ALA D 198 -10.17 23.07 9.92
N VAL D 199 -10.24 24.19 10.62
CA VAL D 199 -11.24 25.18 10.27
C VAL D 199 -10.46 26.44 10.12
N ASP D 200 -10.41 27.03 8.94
CA ASP D 200 -9.62 28.28 8.81
C ASP D 200 -10.32 29.55 9.26
N ILE D 201 -9.58 30.64 9.26
CA ILE D 201 -10.13 31.88 9.75
C ILE D 201 -11.24 32.46 8.91
N CYS D 202 -11.02 32.53 7.60
CA CYS D 202 -12.02 33.12 6.70
C CYS D 202 -11.58 32.96 5.27
N LEU D 203 -12.27 33.66 4.36
CA LEU D 203 -11.88 33.63 2.94
C LEU D 203 -11.58 34.92 2.26
N ASN D 204 -10.70 34.89 1.31
CA ASN D 204 -10.41 36.15 0.69
C ASN D 204 -11.42 36.58 -0.35
N SER D 205 -11.06 37.70 -0.96
CA SER D 205 -11.85 38.32 -1.99
C SER D 205 -12.12 37.31 -3.06
N ARG D 206 -11.11 36.53 -3.43
CA ARG D 206 -11.26 35.48 -4.45
C ARG D 206 -11.95 34.23 -3.86
N TYR D 207 -12.44 34.34 -2.63
CA TYR D 207 -13.16 33.23 -1.98
C TYR D 207 -12.31 32.04 -1.64
N TYR D 208 -11.01 32.26 -1.53
CA TYR D 208 -10.04 31.25 -1.21
C TYR D 208 -9.90 31.34 0.30
N ILE D 209 -9.79 30.16 0.91
CA ILE D 209 -9.67 30.05 2.35
C ILE D 209 -8.28 30.44 2.74
N VAL D 210 -8.22 31.10 3.89
CA VAL D 210 -6.96 31.62 4.38
C VAL D 210 -6.93 31.48 5.87
N PRO D 211 -5.74 31.17 6.36
CA PRO D 211 -4.54 31.02 5.53
C PRO D 211 -4.54 29.91 4.52
N GLY D 212 -5.39 28.92 4.72
CA GLY D 212 -5.59 27.82 3.78
C GLY D 212 -4.45 26.94 3.22
N ILE D 213 -4.70 26.40 2.03
CA ILE D 213 -3.82 25.43 1.39
C ILE D 213 -3.53 25.68 -0.07
N GLY D 214 -4.38 26.47 -0.73
CA GLY D 214 -4.18 26.77 -2.15
C GLY D 214 -5.20 25.94 -2.88
N ASP D 215 -4.86 25.51 -4.10
CA ASP D 215 -5.82 24.69 -4.81
C ASP D 215 -5.45 23.24 -4.59
N PHE D 216 -6.17 22.66 -3.65
CA PHE D 216 -5.92 21.29 -3.28
C PHE D 216 -5.89 20.35 -4.45
N GLY D 217 -6.92 20.38 -5.27
CA GLY D 217 -6.95 19.51 -6.42
C GLY D 217 -5.72 19.72 -7.28
N ASP D 218 -5.33 20.98 -7.47
CA ASP D 218 -4.20 21.25 -8.37
C ASP D 218 -2.87 20.77 -7.81
N ARG D 219 -2.71 20.89 -6.49
CA ARG D 219 -1.49 20.48 -5.81
C ARG D 219 -1.49 18.98 -5.65
N TYR D 220 -2.64 18.38 -5.41
CA TYR D 220 -2.68 16.93 -5.34
C TYR D 220 -2.40 16.20 -6.67
N PHE D 221 -3.07 16.63 -7.74
CA PHE D 221 -2.91 15.97 -9.02
C PHE D 221 -1.79 16.43 -9.89
N GLY D 222 -1.20 17.56 -9.56
CA GLY D 222 -0.11 18.12 -10.36
C GLY D 222 -0.45 18.94 -11.63
N THR D 223 -1.55 19.73 -11.63
CA THR D 223 -2.01 20.58 -12.74
C THR D 223 -1.77 22.04 -12.34
N MET D 224 -0.75 22.17 -11.48
CA MET D 224 -0.21 23.39 -10.88
C MET D 224 0.51 23.30 -9.55
#